data_5KZ6
#
_entry.id   5KZ6
#
_cell.length_a   55.243
_cell.length_b   94.147
_cell.length_c   243.571
_cell.angle_alpha   90.00
_cell.angle_beta   90.00
_cell.angle_gamma   90.00
#
_symmetry.space_group_name_H-M   'C 2 2 21'
#
loop_
_entity.id
_entity.type
_entity.pdbx_description
1 polymer Chitinase
2 non-polymer 'ZINC ION'
3 non-polymer 'CHLORIDE ION'
4 non-polymer 'SODIUM ION'
5 water water
#
_entity_poly.entity_id   1
_entity_poly.type   'polypeptide(L)'
_entity_poly.pdbx_seq_one_letter_code
;SNAANNLGSKLLVGYWHNFDNGTGIIKLRDVSPKWDVINVSFGETGGDRSTVEFSPVYGTDAEFKSDISYLKSKGKKVVL
SIGGQNGVVLLPDNAAKQRFINSIQSLIDKYGFDGIDIDLESGIYLNGNDTNFKNPTTPQIVNLISAIRTISDHYGPDFL
LSMAPETAYVQGGYSAYRSIWGAYLPIIYGVKDKLTYIHVQHYNAGSGIGMDGNNYNQGTADYEVAMADMLLHGFPIGGN
ANNMFPALRSDQVMIGLPATPAAAPSGGYISPTEMKKALDYIIKGIPFGGKYKLSNESGYPAFRGLMSWSINWDAKNNFE
FSSNYRTYFDAIPLQK
;
_entity_poly.pdbx_strand_id   A,B
#
# COMPACT_ATOMS: atom_id res chain seq x y z
N ASN A 6 15.87 -18.71 24.75
CA ASN A 6 16.20 -18.58 23.30
C ASN A 6 14.96 -18.41 22.43
N LEU A 7 15.18 -17.95 21.21
CA LEU A 7 14.12 -17.73 20.26
C LEU A 7 13.61 -19.07 19.72
N GLY A 8 12.29 -19.29 19.81
CA GLY A 8 11.67 -20.56 19.42
C GLY A 8 11.80 -20.96 17.96
N SER A 9 11.54 -22.23 17.68
CA SER A 9 11.67 -22.82 16.34
C SER A 9 10.44 -22.68 15.45
N LYS A 10 9.28 -22.38 16.04
CA LYS A 10 8.05 -22.12 15.29
C LYS A 10 7.44 -20.85 15.89
N LEU A 11 7.57 -19.74 15.17
CA LEU A 11 7.18 -18.44 15.67
C LEU A 11 5.96 -17.84 15.02
N LEU A 12 5.27 -17.04 15.83
CA LEU A 12 4.27 -16.11 15.34
C LEU A 12 4.83 -14.71 15.60
N VAL A 13 5.05 -13.97 14.51
CA VAL A 13 5.61 -12.63 14.55
C VAL A 13 4.49 -11.68 14.16
N GLY A 14 4.14 -10.75 15.04
CA GLY A 14 3.03 -9.85 14.74
C GLY A 14 3.43 -8.40 14.75
N TYR A 15 2.95 -7.66 13.75
CA TYR A 15 3.12 -6.21 13.70
C TYR A 15 2.16 -5.56 14.70
N TRP A 16 2.69 -4.56 15.40
CA TRP A 16 1.96 -3.82 16.43
C TRP A 16 1.85 -2.37 16.01
N HIS A 17 0.62 -1.86 15.89
CA HIS A 17 0.42 -0.50 15.42
C HIS A 17 0.73 0.56 16.49
N ASN A 18 1.72 1.41 16.26
CA ASN A 18 1.96 2.56 17.16
C ASN A 18 1.06 3.74 16.73
N PHE A 19 -0.22 3.45 16.55
CA PHE A 19 -1.18 4.38 15.97
C PHE A 19 -2.53 3.68 15.91
N ASP A 20 -3.60 4.48 15.80
CA ASP A 20 -4.94 3.94 15.63
C ASP A 20 -5.33 4.08 14.16
N ASN A 21 -5.44 2.97 13.44
CA ASN A 21 -5.91 3.00 12.04
C ASN A 21 -7.40 2.69 11.95
N GLY A 22 -8.09 2.71 13.08
CA GLY A 22 -9.50 2.34 13.13
C GLY A 22 -9.71 1.04 13.90
N THR A 23 -8.65 0.25 14.06
CA THR A 23 -8.73 -1.01 14.81
C THR A 23 -8.40 -0.83 16.28
N GLY A 24 -8.02 0.39 16.68
CA GLY A 24 -7.69 0.68 18.06
C GLY A 24 -6.24 0.44 18.41
N ILE A 25 -5.85 1.01 19.53
CA ILE A 25 -4.51 0.89 20.06
C ILE A 25 -4.57 -0.16 21.16
N ILE A 26 -3.64 -1.09 21.12
CA ILE A 26 -3.50 -2.12 22.14
C ILE A 26 -2.21 -1.81 22.89
N LYS A 27 -2.32 -1.53 24.19
CA LYS A 27 -1.11 -1.28 24.99
C LYS A 27 -0.28 -2.56 25.02
N LEU A 28 1.03 -2.43 25.12
CA LEU A 28 1.91 -3.62 25.05
C LEU A 28 1.57 -4.75 26.01
N ARG A 29 1.22 -4.41 27.24
CA ARG A 29 0.86 -5.44 28.22
C ARG A 29 -0.46 -6.15 27.92
N ASP A 30 -1.23 -5.61 26.99
CA ASP A 30 -2.52 -6.20 26.60
C ASP A 30 -2.43 -7.02 25.31
N VAL A 31 -1.24 -7.11 24.72
CA VAL A 31 -1.03 -7.92 23.52
C VAL A 31 -1.14 -9.40 23.89
N SER A 32 -1.81 -10.18 23.05
CA SER A 32 -1.95 -11.61 23.28
C SER A 32 -0.59 -12.29 23.45
N PRO A 33 -0.47 -13.17 24.45
CA PRO A 33 0.80 -13.89 24.62
C PRO A 33 1.08 -14.91 23.50
N LYS A 34 0.13 -15.14 22.60
CA LYS A 34 0.35 -16.09 21.50
C LYS A 34 1.39 -15.60 20.50
N TRP A 35 1.63 -14.28 20.45
CA TRP A 35 2.67 -13.71 19.61
C TRP A 35 4.03 -13.89 20.30
N ASP A 36 5.01 -14.41 19.56
CA ASP A 36 6.37 -14.59 20.09
C ASP A 36 7.23 -13.36 19.94
N VAL A 37 7.01 -12.62 18.86
CA VAL A 37 7.76 -11.43 18.52
C VAL A 37 6.76 -10.33 18.16
N ILE A 38 7.00 -9.13 18.66
CA ILE A 38 6.18 -7.97 18.42
C ILE A 38 7.02 -6.97 17.62
N ASN A 39 6.58 -6.67 16.39
CA ASN A 39 7.25 -5.71 15.52
C ASN A 39 6.54 -4.37 15.68
N VAL A 40 7.16 -3.46 16.44
CA VAL A 40 6.59 -2.15 16.72
C VAL A 40 6.65 -1.28 15.47
N SER A 41 5.48 -0.80 15.03
CA SER A 41 5.35 -0.14 13.74
C SER A 41 4.95 1.31 13.93
N PHE A 42 5.79 2.31 13.61
CA PHE A 42 7.09 2.17 12.98
C PHE A 42 8.04 3.26 13.46
N GLY A 43 9.33 2.98 13.30
CA GLY A 43 10.34 4.00 13.44
C GLY A 43 10.25 4.80 12.15
N GLU A 44 10.34 6.12 12.27
CA GLU A 44 10.14 7.02 11.14
C GLU A 44 11.19 8.10 11.10
N THR A 45 11.26 8.80 9.98
CA THR A 45 12.20 9.88 9.83
C THR A 45 11.48 11.20 9.54
N GLY A 46 12.20 12.28 9.79
CA GLY A 46 11.75 13.62 9.49
C GLY A 46 12.51 14.06 8.27
N GLY A 47 12.74 15.36 8.20
CA GLY A 47 13.35 16.02 7.08
C GLY A 47 14.61 15.44 6.51
N ASP A 48 15.53 14.97 7.36
CA ASP A 48 16.81 14.43 6.87
C ASP A 48 16.71 13.01 6.30
N ARG A 49 15.52 12.41 6.39
CA ARG A 49 15.21 11.08 5.85
C ARG A 49 16.26 10.04 6.23
N SER A 50 16.85 10.19 7.41
CA SER A 50 17.92 9.27 7.85
C SER A 50 17.98 9.07 9.34
N THR A 51 17.67 10.10 10.11
CA THR A 51 17.64 10.00 11.55
C THR A 51 16.30 9.41 11.94
N VAL A 52 16.32 8.17 12.42
CA VAL A 52 15.11 7.49 12.82
C VAL A 52 14.67 7.98 14.19
N GLU A 53 13.36 8.18 14.33
N GLU A 53 13.37 8.21 14.34
CA GLU A 53 12.73 8.65 15.55
CA GLU A 53 12.77 8.66 15.58
C GLU A 53 11.62 7.69 15.91
C GLU A 53 11.60 7.74 15.91
N PHE A 54 11.29 7.65 17.20
CA PHE A 54 10.17 6.86 17.65
C PHE A 54 9.70 7.36 18.99
N SER A 55 8.38 7.59 19.11
CA SER A 55 7.76 7.96 20.37
C SER A 55 6.51 7.11 20.52
N PRO A 56 6.32 6.48 21.70
N PRO A 56 6.32 6.50 21.70
CA PRO A 56 5.13 5.66 21.82
CA PRO A 56 5.13 5.70 21.97
C PRO A 56 3.86 6.49 21.73
C PRO A 56 3.84 6.50 21.77
N VAL A 57 2.84 5.90 21.12
CA VAL A 57 1.57 6.59 20.87
C VAL A 57 0.77 6.86 22.15
N TYR A 58 1.01 6.06 23.19
CA TYR A 58 0.36 6.23 24.49
C TYR A 58 1.45 6.34 25.55
N GLY A 59 1.14 7.09 26.60
CA GLY A 59 2.01 7.18 27.77
C GLY A 59 3.35 7.83 27.54
N THR A 60 4.22 7.64 28.54
CA THR A 60 5.55 8.22 28.52
C THR A 60 6.56 7.27 27.89
N ASP A 61 7.70 7.84 27.50
CA ASP A 61 8.79 7.06 26.96
C ASP A 61 9.28 6.03 27.99
N ALA A 62 9.43 6.46 29.24
CA ALA A 62 9.88 5.56 30.30
C ALA A 62 8.92 4.39 30.54
N GLU A 63 7.62 4.67 30.49
CA GLU A 63 6.60 3.62 30.64
C GLU A 63 6.68 2.58 29.51
N PHE A 64 6.95 3.04 28.29
CA PHE A 64 7.05 2.13 27.14
C PHE A 64 8.27 1.24 27.32
N LYS A 65 9.39 1.84 27.75
N LYS A 65 9.39 1.81 27.77
CA LYS A 65 10.62 1.13 28.04
CA LYS A 65 10.58 1.01 28.03
C LYS A 65 10.37 0.05 29.10
C LYS A 65 10.25 -0.06 29.08
N SER A 66 9.59 0.38 30.12
N SER A 66 9.61 0.35 30.16
CA SER A 66 9.29 -0.60 31.18
CA SER A 66 9.23 -0.58 31.23
C SER A 66 8.34 -1.71 30.67
C SER A 66 8.32 -1.69 30.70
N ASP A 67 7.39 -1.34 29.82
CA ASP A 67 6.47 -2.34 29.19
C ASP A 67 7.30 -3.35 28.37
N ILE A 68 8.26 -2.84 27.60
CA ILE A 68 9.13 -3.70 26.81
C ILE A 68 9.92 -4.63 27.73
N SER A 69 10.48 -4.07 28.80
N SER A 69 10.48 -4.07 28.81
CA SER A 69 11.25 -4.88 29.74
CA SER A 69 11.25 -4.86 29.76
C SER A 69 10.39 -6.00 30.31
C SER A 69 10.41 -5.98 30.39
N TYR A 70 9.13 -5.69 30.63
CA TYR A 70 8.21 -6.68 31.17
C TYR A 70 7.96 -7.80 30.15
N LEU A 71 7.67 -7.45 28.90
CA LEU A 71 7.45 -8.47 27.87
C LEU A 71 8.68 -9.34 27.66
N LYS A 72 9.85 -8.70 27.65
N LYS A 72 9.86 -8.69 27.66
CA LYS A 72 11.11 -9.44 27.50
CA LYS A 72 11.11 -9.42 27.51
C LYS A 72 11.32 -10.42 28.65
C LYS A 72 11.36 -10.39 28.66
N SER A 73 10.90 -10.03 29.86
CA SER A 73 11.04 -10.90 31.04
C SER A 73 10.15 -12.16 30.91
N LYS A 74 9.12 -12.09 30.07
CA LYS A 74 8.20 -13.21 29.81
C LYS A 74 8.61 -14.03 28.57
N GLY A 75 9.77 -13.74 27.99
CA GLY A 75 10.30 -14.50 26.87
C GLY A 75 9.94 -13.96 25.49
N LYS A 76 9.26 -12.82 25.44
CA LYS A 76 8.87 -12.23 24.15
C LYS A 76 9.98 -11.35 23.63
N LYS A 77 10.01 -11.15 22.32
N LYS A 77 10.01 -11.15 22.32
CA LYS A 77 10.95 -10.25 21.70
CA LYS A 77 10.97 -10.24 21.69
C LYS A 77 10.18 -9.05 21.17
C LYS A 77 10.20 -9.06 21.15
N VAL A 78 10.77 -7.86 21.30
CA VAL A 78 10.15 -6.63 20.83
C VAL A 78 11.17 -5.98 19.90
N VAL A 79 10.75 -5.81 18.65
CA VAL A 79 11.60 -5.36 17.58
C VAL A 79 11.06 -4.04 17.02
N LEU A 80 11.94 -3.11 16.65
CA LEU A 80 11.50 -1.86 16.04
C LEU A 80 11.47 -2.03 14.53
N SER A 81 10.30 -1.85 13.92
CA SER A 81 10.16 -1.92 12.47
C SER A 81 10.37 -0.55 11.86
N ILE A 82 11.20 -0.50 10.82
N ILE A 82 11.25 -0.45 10.87
CA ILE A 82 11.54 0.70 10.09
CA ILE A 82 11.45 0.81 10.16
C ILE A 82 10.83 0.62 8.75
C ILE A 82 10.81 0.65 8.80
N GLY A 83 9.84 1.49 8.53
CA GLY A 83 9.07 1.44 7.30
C GLY A 83 7.78 2.19 7.40
N GLY A 84 6.81 1.82 6.58
CA GLY A 84 5.58 2.58 6.46
C GLY A 84 5.87 3.84 5.66
N GLN A 85 4.83 4.66 5.47
CA GLN A 85 4.97 5.88 4.67
C GLN A 85 5.99 6.88 5.20
N ASN A 86 6.14 6.94 6.51
CA ASN A 86 7.06 7.87 7.15
C ASN A 86 8.44 7.28 7.40
N GLY A 87 8.59 5.96 7.20
CA GLY A 87 9.88 5.29 7.41
C GLY A 87 10.70 5.36 6.16
N VAL A 88 10.85 6.58 5.66
CA VAL A 88 11.64 6.81 4.49
C VAL A 88 13.08 6.93 4.98
N VAL A 89 13.92 6.01 4.54
CA VAL A 89 15.33 6.05 4.90
C VAL A 89 16.10 6.14 3.60
N LEU A 90 16.77 7.28 3.42
CA LEU A 90 17.55 7.54 2.24
C LEU A 90 19.00 7.66 2.68
N LEU A 91 19.85 6.80 2.13
CA LEU A 91 21.26 6.71 2.48
C LEU A 91 22.14 6.94 1.25
N PRO A 92 22.17 8.18 0.74
CA PRO A 92 22.98 8.45 -0.47
C PRO A 92 24.48 8.50 -0.23
N ASP A 93 24.88 8.63 1.03
CA ASP A 93 26.30 8.79 1.36
C ASP A 93 26.60 8.37 2.79
N ASN A 94 27.87 8.43 3.16
CA ASN A 94 28.31 8.04 4.50
C ASN A 94 27.65 8.82 5.62
N ALA A 95 27.50 10.13 5.41
CA ALA A 95 26.92 11.00 6.43
C ALA A 95 25.52 10.50 6.79
N ALA A 96 24.71 10.22 5.77
CA ALA A 96 23.36 9.71 6.00
C ALA A 96 23.40 8.34 6.68
N LYS A 97 24.32 7.49 6.23
CA LYS A 97 24.49 6.18 6.84
C LYS A 97 24.79 6.30 8.33
N GLN A 98 25.68 7.22 8.71
CA GLN A 98 26.03 7.39 10.12
C GLN A 98 24.86 7.90 10.95
N ARG A 99 24.07 8.82 10.40
CA ARG A 99 22.90 9.32 11.11
C ARG A 99 21.92 8.19 11.39
N PHE A 100 21.75 7.32 10.39
CA PHE A 100 20.86 6.18 10.53
C PHE A 100 21.36 5.20 11.59
N ILE A 101 22.63 4.81 11.49
CA ILE A 101 23.24 3.93 12.48
C ILE A 101 23.09 4.49 13.89
N ASN A 102 23.49 5.74 14.08
CA ASN A 102 23.50 6.32 15.43
C ASN A 102 22.10 6.43 16.00
N SER A 103 21.15 6.81 15.16
CA SER A 103 19.78 6.99 15.64
C SER A 103 19.14 5.66 16.01
N ILE A 104 19.40 4.62 15.24
N ILE A 104 19.42 4.61 15.25
CA ILE A 104 18.88 3.29 15.52
CA ILE A 104 18.86 3.31 15.57
C ILE A 104 19.48 2.75 16.83
C ILE A 104 19.49 2.73 16.85
N GLN A 105 20.80 2.86 16.99
CA GLN A 105 21.47 2.40 18.21
C GLN A 105 20.91 3.15 19.43
N SER A 106 20.69 4.46 19.28
N SER A 106 20.68 4.46 19.26
CA SER A 106 20.14 5.24 20.39
CA SER A 106 20.13 5.29 20.33
C SER A 106 18.75 4.75 20.77
C SER A 106 18.75 4.80 20.76
N LEU A 107 17.91 4.43 19.78
CA LEU A 107 16.56 3.92 20.06
C LEU A 107 16.58 2.54 20.70
N ILE A 108 17.47 1.66 20.21
CA ILE A 108 17.61 0.33 20.79
C ILE A 108 18.01 0.44 22.27
N ASP A 109 18.97 1.31 22.54
CA ASP A 109 19.46 1.51 23.91
C ASP A 109 18.40 2.15 24.80
N LYS A 110 17.67 3.12 24.26
N LYS A 110 17.67 3.12 24.26
CA LYS A 110 16.65 3.83 25.04
CA LYS A 110 16.65 3.87 25.01
C LYS A 110 15.51 2.92 25.45
C LYS A 110 15.39 3.07 25.38
N TYR A 111 14.97 2.17 24.49
CA TYR A 111 13.78 1.35 24.72
C TYR A 111 14.04 -0.11 25.03
N GLY A 112 15.26 -0.57 24.77
CA GLY A 112 15.60 -1.97 25.01
C GLY A 112 15.07 -2.94 23.97
N PHE A 113 14.92 -2.47 22.73
CA PHE A 113 14.48 -3.35 21.65
C PHE A 113 15.47 -4.49 21.45
N ASP A 114 14.95 -5.66 21.09
CA ASP A 114 15.78 -6.85 20.82
C ASP A 114 16.43 -6.82 19.43
N GLY A 115 15.96 -5.92 18.57
CA GLY A 115 16.48 -5.83 17.22
C GLY A 115 15.62 -4.94 16.37
N ILE A 116 15.78 -5.07 15.05
CA ILE A 116 15.09 -4.26 14.08
C ILE A 116 14.53 -5.11 12.96
N ASP A 117 13.45 -4.59 12.38
CA ASP A 117 12.79 -5.16 11.23
C ASP A 117 12.87 -4.15 10.10
N ILE A 118 13.40 -4.59 8.96
CA ILE A 118 13.56 -3.73 7.79
C ILE A 118 12.34 -3.89 6.89
N ASP A 119 11.51 -2.85 6.87
CA ASP A 119 10.26 -2.82 6.10
C ASP A 119 10.29 -1.59 5.19
N LEU A 120 11.44 -1.37 4.56
CA LEU A 120 11.70 -0.20 3.70
C LEU A 120 11.41 -0.40 2.21
N GLU A 121 10.99 0.68 1.54
CA GLU A 121 10.88 0.70 0.07
C GLU A 121 11.55 1.92 -0.55
N SER A 122 11.74 2.99 0.23
CA SER A 122 12.28 4.23 -0.29
C SER A 122 13.66 4.07 -0.87
N GLY A 123 13.81 4.45 -2.13
CA GLY A 123 15.09 4.33 -2.83
C GLY A 123 15.53 2.92 -3.14
N ILE A 124 14.66 1.94 -2.83
N ILE A 124 14.72 1.91 -2.80
CA ILE A 124 15.02 0.54 -3.04
CA ILE A 124 15.17 0.53 -3.01
C ILE A 124 14.68 0.17 -4.48
C ILE A 124 14.82 0.01 -4.40
N TYR A 125 15.63 0.46 -5.35
CA TYR A 125 15.53 0.10 -6.75
C TYR A 125 16.95 0.14 -7.30
N LEU A 126 17.27 -0.83 -8.13
CA LEU A 126 18.59 -0.98 -8.71
C LEU A 126 18.87 0.07 -9.77
N ASN A 127 20.02 0.71 -9.68
CA ASN A 127 20.49 1.58 -10.75
C ASN A 127 20.62 0.74 -12.02
N GLY A 128 20.52 1.42 -13.15
N GLY A 128 20.54 1.38 -13.19
CA GLY A 128 20.77 0.80 -14.43
CA GLY A 128 20.59 0.66 -14.48
C GLY A 128 22.21 0.35 -14.35
C GLY A 128 21.71 -0.35 -14.77
N ASN A 129 22.46 -0.86 -14.82
N ASN A 129 22.96 0.02 -14.49
CA ASN A 129 23.79 -1.42 -14.77
CA ASN A 129 24.09 -0.85 -14.83
C ASN A 129 24.15 -2.09 -13.40
C ASN A 129 24.48 -1.77 -13.68
N ASP A 130 23.30 -2.02 -12.35
N ASP A 130 23.62 -1.79 -12.65
CA ASP A 130 23.62 -2.70 -11.10
CA ASP A 130 23.81 -2.60 -11.44
C ASP A 130 23.07 -4.11 -11.27
C ASP A 130 23.11 -3.95 -11.59
N THR A 131 23.90 -5.00 -11.82
CA THR A 131 23.42 -6.34 -12.19
C THR A 131 23.87 -7.54 -11.36
N ASN A 132 24.80 -7.34 -10.44
CA ASN A 132 25.39 -8.44 -9.67
C ASN A 132 24.90 -8.36 -8.23
N PHE A 133 24.06 -9.30 -7.82
CA PHE A 133 23.48 -9.24 -6.47
C PHE A 133 24.51 -9.44 -5.35
N LYS A 134 25.64 -10.06 -5.64
N LYS A 134 25.64 -10.07 -5.64
CA LYS A 134 26.69 -10.26 -4.64
CA LYS A 134 26.68 -10.29 -4.65
C LYS A 134 27.61 -9.06 -4.50
C LYS A 134 27.50 -9.02 -4.44
N ASN A 135 27.54 -8.13 -5.45
N ASN A 135 27.56 -8.20 -5.48
CA ASN A 135 28.38 -6.93 -5.45
CA ASN A 135 28.35 -6.99 -5.46
C ASN A 135 27.57 -5.75 -5.97
C ASN A 135 27.54 -5.80 -5.99
N PRO A 136 26.57 -5.30 -5.19
CA PRO A 136 25.75 -4.17 -5.62
C PRO A 136 26.55 -2.89 -5.67
N THR A 137 26.12 -1.99 -6.54
CA THR A 137 26.76 -0.69 -6.70
C THR A 137 25.82 0.49 -6.39
N THR A 138 24.50 0.25 -6.34
CA THR A 138 23.54 1.32 -6.05
C THR A 138 23.80 1.81 -4.61
N PRO A 139 24.14 3.11 -4.45
CA PRO A 139 24.50 3.58 -3.10
C PRO A 139 23.48 3.28 -2.00
N GLN A 140 22.19 3.45 -2.28
CA GLN A 140 21.16 3.17 -1.28
C GLN A 140 21.28 1.75 -0.75
N ILE A 141 21.45 0.80 -1.67
CA ILE A 141 21.54 -0.61 -1.33
C ILE A 141 22.85 -0.92 -0.60
N VAL A 142 23.97 -0.47 -1.15
CA VAL A 142 25.27 -0.67 -0.52
C VAL A 142 25.29 -0.11 0.91
N ASN A 143 24.78 1.10 1.06
CA ASN A 143 24.80 1.78 2.36
C ASN A 143 23.85 1.15 3.37
N LEU A 144 22.69 0.69 2.91
N LEU A 144 22.69 0.69 2.91
CA LEU A 144 21.77 0.01 3.82
CA LEU A 144 21.75 -0.03 3.79
C LEU A 144 22.39 -1.30 4.33
C LEU A 144 22.38 -1.31 4.33
N ILE A 145 23.01 -2.08 3.45
CA ILE A 145 23.68 -3.32 3.84
C ILE A 145 24.75 -3.01 4.89
N SER A 146 25.58 -2.01 4.59
CA SER A 146 26.65 -1.64 5.52
C SER A 146 26.10 -1.21 6.88
N ALA A 147 25.05 -0.39 6.87
CA ALA A 147 24.46 0.07 8.12
C ALA A 147 23.90 -1.08 8.95
N ILE A 148 23.19 -2.00 8.30
CA ILE A 148 22.61 -3.14 8.99
C ILE A 148 23.71 -4.00 9.63
N ARG A 149 24.78 -4.24 8.88
CA ARG A 149 25.90 -5.04 9.44
C ARG A 149 26.55 -4.33 10.64
N THR A 150 26.71 -3.01 10.54
CA THR A 150 27.31 -2.24 11.63
C THR A 150 26.43 -2.24 12.89
N ILE A 151 25.14 -2.00 12.72
CA ILE A 151 24.22 -2.01 13.86
C ILE A 151 24.20 -3.38 14.52
N SER A 152 24.07 -4.42 13.69
N SER A 152 24.08 -4.44 13.73
CA SER A 152 24.05 -5.81 14.15
CA SER A 152 24.02 -5.80 14.29
C SER A 152 25.32 -6.11 14.98
C SER A 152 25.34 -6.18 14.98
N ASP A 153 26.47 -5.75 14.43
CA ASP A 153 27.77 -5.97 15.10
C ASP A 153 27.82 -5.31 16.47
N HIS A 154 27.20 -4.14 16.58
CA HIS A 154 27.21 -3.39 17.83
C HIS A 154 26.55 -4.14 18.98
N TYR A 155 25.58 -5.00 18.66
CA TYR A 155 24.86 -5.76 19.68
C TYR A 155 25.24 -7.22 19.79
N GLY A 156 25.87 -7.77 18.76
CA GLY A 156 26.34 -9.15 18.83
C GLY A 156 25.42 -10.17 18.18
N PRO A 157 25.76 -11.45 18.32
CA PRO A 157 25.11 -12.52 17.58
C PRO A 157 23.66 -12.80 17.93
N ASP A 158 23.21 -12.31 19.09
CA ASP A 158 21.82 -12.51 19.49
C ASP A 158 20.89 -11.38 19.03
N PHE A 159 21.43 -10.36 18.36
CA PHE A 159 20.61 -9.28 17.76
C PHE A 159 19.59 -9.88 16.83
N LEU A 160 18.34 -9.45 16.96
CA LEU A 160 17.28 -9.97 16.11
C LEU A 160 17.14 -9.05 14.89
N LEU A 161 17.44 -9.59 13.70
CA LEU A 161 17.30 -8.86 12.46
C LEU A 161 16.26 -9.56 11.60
N SER A 162 15.19 -8.85 11.25
CA SER A 162 14.21 -9.37 10.32
C SER A 162 13.98 -8.40 9.19
N MET A 163 13.37 -8.89 8.11
N MET A 163 13.29 -8.84 8.16
CA MET A 163 13.03 -8.07 6.93
CA MET A 163 12.90 -7.93 7.11
C MET A 163 11.68 -8.48 6.39
C MET A 163 11.64 -8.45 6.47
N ALA A 164 10.92 -7.51 5.86
CA ALA A 164 9.59 -7.77 5.32
C ALA A 164 9.34 -7.13 3.96
N PRO A 165 10.17 -7.43 2.97
CA PRO A 165 9.92 -6.88 1.63
C PRO A 165 8.68 -7.49 0.98
N GLU A 166 8.14 -6.75 0.03
CA GLU A 166 7.09 -7.27 -0.84
C GLU A 166 7.71 -8.23 -1.87
N THR A 167 6.87 -9.06 -2.46
CA THR A 167 7.36 -10.11 -3.36
C THR A 167 8.10 -9.58 -4.59
N ALA A 168 7.71 -8.42 -5.11
CA ALA A 168 8.39 -7.87 -6.29
C ALA A 168 9.90 -7.75 -6.08
N TYR A 169 10.30 -7.42 -4.84
CA TYR A 169 11.69 -7.19 -4.50
C TYR A 169 12.51 -8.45 -4.28
N VAL A 170 11.84 -9.61 -4.20
CA VAL A 170 12.48 -10.86 -3.86
C VAL A 170 12.16 -11.88 -4.97
N GLN A 171 11.01 -12.54 -4.89
CA GLN A 171 10.60 -13.51 -5.90
C GLN A 171 10.46 -12.87 -7.28
N GLY A 172 10.17 -11.57 -7.34
CA GLY A 172 10.13 -10.88 -8.62
C GLY A 172 11.44 -11.00 -9.39
N GLY A 173 12.54 -11.21 -8.66
CA GLY A 173 13.86 -11.42 -9.24
C GLY A 173 13.92 -12.62 -10.17
N TYR A 174 13.00 -13.57 -10.00
CA TYR A 174 12.93 -14.72 -10.90
C TYR A 174 12.63 -14.25 -12.34
N SER A 175 11.86 -13.18 -12.47
CA SER A 175 11.47 -12.65 -13.78
C SER A 175 12.39 -11.56 -14.31
N ALA A 176 12.90 -10.71 -13.41
CA ALA A 176 13.76 -9.59 -13.82
C ALA A 176 14.60 -9.12 -12.66
N TYR A 177 15.81 -8.63 -12.98
CA TYR A 177 16.71 -8.07 -11.96
C TYR A 177 17.03 -6.66 -12.43
N ARG A 178 16.15 -5.72 -12.09
N ARG A 178 16.12 -5.73 -12.15
CA ARG A 178 16.30 -4.32 -12.48
CA ARG A 178 16.27 -4.33 -12.54
C ARG A 178 15.23 -3.53 -11.80
C ARG A 178 15.21 -3.53 -11.81
N SER A 179 15.47 -2.23 -11.63
CA SER A 179 14.52 -1.36 -10.94
C SER A 179 14.17 -1.99 -9.58
N ILE A 180 12.87 -2.07 -9.25
CA ILE A 180 12.44 -2.69 -7.99
C ILE A 180 12.53 -4.21 -8.01
N TRP A 181 12.54 -4.83 -9.20
CA TRP A 181 12.46 -6.29 -9.28
C TRP A 181 13.76 -6.95 -8.87
N GLY A 182 13.66 -7.73 -7.81
CA GLY A 182 14.81 -8.38 -7.20
C GLY A 182 15.68 -7.45 -6.37
N ALA A 183 15.26 -6.21 -6.12
CA ALA A 183 16.13 -5.24 -5.46
C ALA A 183 16.45 -5.55 -4.01
N TYR A 184 15.65 -6.37 -3.32
CA TYR A 184 16.04 -6.83 -1.97
C TYR A 184 17.02 -8.00 -2.01
N LEU A 185 17.20 -8.67 -3.16
CA LEU A 185 18.13 -9.80 -3.21
C LEU A 185 19.56 -9.44 -2.75
N PRO A 186 20.13 -8.30 -3.22
CA PRO A 186 21.46 -7.96 -2.71
C PRO A 186 21.45 -7.62 -1.23
N ILE A 187 20.33 -7.09 -0.72
CA ILE A 187 20.24 -6.78 0.69
C ILE A 187 20.25 -8.08 1.51
N ILE A 188 19.39 -9.02 1.13
CA ILE A 188 19.31 -10.32 1.79
C ILE A 188 20.67 -11.01 1.77
N TYR A 189 21.26 -11.12 0.59
CA TYR A 189 22.56 -11.77 0.48
C TYR A 189 23.61 -11.06 1.34
N GLY A 190 23.58 -9.74 1.31
CA GLY A 190 24.56 -8.94 2.02
C GLY A 190 24.51 -9.03 3.52
N VAL A 191 23.35 -9.41 4.08
CA VAL A 191 23.19 -9.53 5.53
C VAL A 191 22.80 -10.94 5.98
N LYS A 192 22.93 -11.94 5.11
N LYS A 192 22.94 -11.93 5.09
CA LYS A 192 22.36 -13.27 5.40
CA LYS A 192 22.44 -13.29 5.33
C LYS A 192 22.93 -13.91 6.68
C LYS A 192 22.95 -13.93 6.63
N ASP A 193 24.21 -13.65 6.96
CA ASP A 193 24.83 -14.21 8.18
C ASP A 193 24.32 -13.57 9.48
N LYS A 194 23.63 -12.43 9.37
N LYS A 194 23.63 -12.44 9.38
CA LYS A 194 23.06 -11.73 10.53
CA LYS A 194 23.05 -11.75 10.52
C LYS A 194 21.53 -11.78 10.54
C LYS A 194 21.53 -11.86 10.58
N LEU A 195 20.93 -12.25 9.45
CA LEU A 195 19.48 -12.31 9.33
C LEU A 195 18.87 -13.42 10.18
N THR A 196 17.97 -13.06 11.08
CA THR A 196 17.31 -14.04 11.93
C THR A 196 16.23 -14.73 11.08
N TYR A 197 15.39 -13.93 10.44
CA TYR A 197 14.42 -14.46 9.47
C TYR A 197 13.93 -13.35 8.56
N ILE A 198 13.48 -13.76 7.39
CA ILE A 198 12.79 -12.89 6.46
C ILE A 198 11.36 -13.38 6.33
N HIS A 199 10.42 -12.45 6.46
CA HIS A 199 9.00 -12.73 6.25
C HIS A 199 8.50 -11.84 5.13
N VAL A 200 8.63 -12.33 3.90
CA VAL A 200 8.11 -11.61 2.75
C VAL A 200 6.59 -11.43 2.92
N GLN A 201 6.07 -10.31 2.44
CA GLN A 201 4.64 -10.04 2.49
C GLN A 201 3.93 -10.79 1.36
N HIS A 202 3.31 -11.92 1.69
CA HIS A 202 2.57 -12.71 0.71
C HIS A 202 1.13 -12.13 0.57
N TYR A 203 1.04 -10.83 0.34
CA TYR A 203 -0.27 -10.17 0.24
C TYR A 203 -0.09 -8.84 -0.46
N ASN A 204 -1.22 -8.25 -0.88
CA ASN A 204 -1.22 -7.06 -1.74
C ASN A 204 -0.27 -7.31 -2.92
N ALA A 205 -0.30 -8.53 -3.48
CA ALA A 205 0.70 -9.00 -4.46
C ALA A 205 0.19 -9.48 -5.82
N GLY A 206 -1.09 -9.76 -5.90
CA GLY A 206 -1.70 -10.27 -7.14
C GLY A 206 -1.39 -11.74 -7.36
N SER A 207 -0.48 -12.01 -8.29
CA SER A 207 -0.05 -13.35 -8.58
C SER A 207 1.47 -13.39 -8.62
N GLY A 208 2.03 -14.57 -8.44
CA GLY A 208 3.47 -14.76 -8.43
C GLY A 208 3.85 -15.96 -9.26
N ILE A 209 4.94 -15.82 -10.01
CA ILE A 209 5.46 -16.91 -10.84
C ILE A 209 6.39 -17.76 -9.97
N GLY A 210 6.14 -19.06 -9.92
CA GLY A 210 6.96 -19.99 -9.15
C GLY A 210 8.16 -20.45 -9.97
N MET A 211 9.08 -21.18 -9.34
N MET A 211 9.07 -21.19 -9.30
CA MET A 211 10.26 -21.66 -10.06
CA MET A 211 10.30 -21.71 -9.94
C MET A 211 9.96 -22.67 -11.13
C MET A 211 10.01 -22.77 -11.01
N ASP A 212 8.74 -23.21 -11.08
CA ASP A 212 8.28 -24.15 -12.10
C ASP A 212 7.77 -23.43 -13.36
N GLY A 213 7.80 -22.09 -13.35
CA GLY A 213 7.35 -21.29 -14.48
C GLY A 213 5.85 -21.04 -14.51
N ASN A 214 5.12 -21.54 -13.52
CA ASN A 214 3.66 -21.40 -13.45
C ASN A 214 3.26 -20.22 -12.59
N ASN A 215 2.17 -19.54 -12.96
N ASN A 215 2.15 -19.60 -12.96
CA ASN A 215 1.68 -18.40 -12.19
CA ASN A 215 1.59 -18.47 -12.25
C ASN A 215 0.66 -18.89 -11.18
C ASN A 215 0.70 -19.01 -11.12
N TYR A 216 0.78 -18.39 -9.95
CA TYR A 216 -0.08 -18.77 -8.83
C TYR A 216 -0.69 -17.50 -8.26
N ASN A 217 -1.96 -17.57 -7.87
N ASN A 217 -1.96 -17.55 -7.87
CA ASN A 217 -2.65 -16.41 -7.30
CA ASN A 217 -2.64 -16.39 -7.32
C ASN A 217 -2.41 -16.31 -5.80
C ASN A 217 -2.43 -16.30 -5.82
N GLN A 218 -2.23 -15.09 -5.31
CA GLN A 218 -2.08 -14.88 -3.87
C GLN A 218 -3.31 -15.42 -3.14
N GLY A 219 -3.13 -15.75 -1.86
CA GLY A 219 -4.23 -16.27 -1.08
C GLY A 219 -4.59 -17.71 -1.33
N THR A 220 -3.75 -18.44 -2.07
CA THR A 220 -3.96 -19.87 -2.34
C THR A 220 -2.79 -20.65 -1.76
N ALA A 221 -3.06 -21.89 -1.39
CA ALA A 221 -2.05 -22.74 -0.78
C ALA A 221 -0.83 -22.91 -1.72
N ASP A 222 -1.09 -23.16 -3.00
CA ASP A 222 0.01 -23.30 -3.97
C ASP A 222 0.91 -22.07 -4.00
N TYR A 223 0.31 -20.88 -3.98
CA TYR A 223 1.11 -19.65 -3.98
C TYR A 223 2.01 -19.57 -2.76
N GLU A 224 1.49 -19.91 -1.59
CA GLU A 224 2.29 -19.81 -0.37
C GLU A 224 3.51 -20.73 -0.46
N VAL A 225 3.28 -21.96 -0.94
CA VAL A 225 4.37 -22.91 -1.06
C VAL A 225 5.37 -22.44 -2.11
N ALA A 226 4.88 -22.05 -3.28
CA ALA A 226 5.75 -21.63 -4.37
C ALA A 226 6.62 -20.43 -3.99
N MET A 227 6.04 -19.45 -3.31
CA MET A 227 6.81 -18.26 -2.96
C MET A 227 7.84 -18.57 -1.88
N ALA A 228 7.46 -19.33 -0.86
CA ALA A 228 8.41 -19.68 0.20
C ALA A 228 9.53 -20.56 -0.33
N ASP A 229 9.20 -21.46 -1.27
CA ASP A 229 10.17 -22.39 -1.80
C ASP A 229 11.34 -21.70 -2.50
N MET A 230 11.09 -20.52 -3.08
N MET A 230 11.10 -20.53 -3.08
CA MET A 230 12.18 -19.79 -3.72
CA MET A 230 12.18 -19.81 -3.75
C MET A 230 13.29 -19.52 -2.72
C MET A 230 13.29 -19.40 -2.77
N LEU A 231 12.92 -19.12 -1.51
CA LEU A 231 13.92 -18.84 -0.48
C LEU A 231 14.45 -20.12 0.19
N LEU A 232 13.60 -21.15 0.30
CA LEU A 232 14.04 -22.42 0.91
C LEU A 232 15.02 -23.17 0.02
N HIS A 233 14.89 -23.02 -1.30
CA HIS A 233 15.70 -23.77 -2.25
C HIS A 233 16.68 -22.94 -3.05
N GLY A 234 16.45 -21.63 -3.15
CA GLY A 234 17.24 -20.80 -4.06
C GLY A 234 16.59 -20.87 -5.43
N PHE A 235 16.96 -19.96 -6.32
CA PHE A 235 16.35 -19.89 -7.65
C PHE A 235 17.21 -19.13 -8.64
N PRO A 236 17.00 -19.37 -9.96
CA PRO A 236 17.73 -18.62 -10.98
C PRO A 236 17.14 -17.23 -11.14
N ILE A 237 18.02 -16.22 -11.16
CA ILE A 237 17.59 -14.83 -11.31
C ILE A 237 17.41 -14.48 -12.79
N GLY A 238 16.27 -13.89 -13.12
CA GLY A 238 16.01 -13.34 -14.46
C GLY A 238 16.16 -14.25 -15.66
N GLY A 239 15.78 -15.51 -15.46
CA GLY A 239 15.88 -16.51 -16.52
C GLY A 239 17.29 -16.97 -16.84
N ASN A 240 18.22 -16.77 -15.89
CA ASN A 240 19.62 -17.17 -16.09
C ASN A 240 20.07 -18.22 -15.07
N ALA A 241 20.27 -19.46 -15.54
CA ALA A 241 20.74 -20.56 -14.69
C ALA A 241 22.15 -20.31 -14.12
N ASN A 242 22.89 -19.39 -14.72
CA ASN A 242 24.24 -19.04 -14.25
C ASN A 242 24.24 -17.91 -13.22
N ASN A 243 23.06 -17.42 -12.83
CA ASN A 243 22.93 -16.38 -11.81
C ASN A 243 21.96 -16.87 -10.73
N MET A 244 22.44 -17.79 -9.90
CA MET A 244 21.63 -18.44 -8.88
C MET A 244 21.61 -17.68 -7.56
N PHE A 245 20.40 -17.39 -7.08
CA PHE A 245 20.26 -16.81 -5.76
C PHE A 245 20.31 -17.98 -4.77
N PRO A 246 21.19 -17.94 -3.76
CA PRO A 246 21.32 -19.10 -2.87
C PRO A 246 20.15 -19.28 -1.93
N ALA A 247 19.91 -20.53 -1.53
CA ALA A 247 18.93 -20.83 -0.52
C ALA A 247 19.33 -20.21 0.82
N LEU A 248 18.34 -19.76 1.58
CA LEU A 248 18.57 -19.39 2.97
C LEU A 248 18.40 -20.64 3.82
N ARG A 249 18.80 -20.58 5.09
CA ARG A 249 18.46 -21.65 6.01
C ARG A 249 16.95 -21.69 6.15
N SER A 250 16.34 -22.86 6.34
CA SER A 250 14.90 -22.91 6.54
C SER A 250 14.48 -22.14 7.80
N ASP A 251 15.35 -22.09 8.81
CA ASP A 251 15.03 -21.35 10.03
C ASP A 251 15.11 -19.83 9.85
N GLN A 252 15.48 -19.40 8.64
CA GLN A 252 15.45 -17.98 8.28
C GLN A 252 14.21 -17.64 7.41
N VAL A 253 13.36 -18.63 7.10
CA VAL A 253 12.25 -18.38 6.21
C VAL A 253 10.93 -18.43 6.96
N MET A 254 10.16 -17.35 6.83
N MET A 254 10.14 -17.38 6.76
CA MET A 254 8.81 -17.25 7.37
CA MET A 254 8.85 -17.17 7.40
C MET A 254 7.92 -16.79 6.22
C MET A 254 7.90 -16.55 6.36
N ILE A 255 6.62 -16.88 6.44
CA ILE A 255 5.63 -16.36 5.46
C ILE A 255 4.83 -15.25 6.16
N GLY A 256 4.73 -14.09 5.52
CA GLY A 256 3.90 -12.99 6.03
C GLY A 256 2.50 -13.01 5.43
N LEU A 257 1.49 -12.97 6.30
CA LEU A 257 0.09 -13.03 5.89
C LEU A 257 -0.75 -11.96 6.55
N PRO A 258 -1.85 -11.55 5.88
CA PRO A 258 -2.78 -10.65 6.53
C PRO A 258 -3.59 -11.41 7.57
N ALA A 259 -3.88 -10.77 8.69
CA ALA A 259 -4.61 -11.45 9.76
C ALA A 259 -6.07 -11.68 9.42
N THR A 260 -6.60 -10.88 8.51
CA THR A 260 -8.00 -10.92 8.08
C THR A 260 -8.07 -10.19 6.73
N PRO A 261 -9.14 -10.40 5.94
CA PRO A 261 -9.17 -9.73 4.62
C PRO A 261 -9.06 -8.21 4.63
N ALA A 262 -9.66 -7.55 5.62
CA ALA A 262 -9.62 -6.09 5.68
C ALA A 262 -8.20 -5.56 5.90
N ALA A 263 -7.30 -6.41 6.40
CA ALA A 263 -5.90 -6.03 6.62
C ALA A 263 -5.12 -5.94 5.32
N ALA A 264 -5.66 -6.53 4.24
CA ALA A 264 -5.01 -6.50 2.91
C ALA A 264 -6.12 -6.49 1.85
N PRO A 265 -6.73 -5.32 1.61
CA PRO A 265 -7.90 -5.21 0.73
C PRO A 265 -7.80 -5.81 -0.66
N SER A 266 -6.63 -5.72 -1.30
CA SER A 266 -6.48 -6.22 -2.67
C SER A 266 -6.27 -7.72 -2.75
N GLY A 267 -6.14 -8.37 -1.59
CA GLY A 267 -5.99 -9.81 -1.55
C GLY A 267 -4.77 -10.27 -0.80
N GLY A 268 -4.75 -11.57 -0.58
CA GLY A 268 -3.67 -12.22 0.12
C GLY A 268 -4.13 -13.05 1.29
N TYR A 269 -5.26 -12.69 1.90
CA TYR A 269 -5.79 -13.49 2.99
C TYR A 269 -6.04 -14.91 2.50
N ILE A 270 -5.68 -15.88 3.35
CA ILE A 270 -5.90 -17.29 3.06
C ILE A 270 -6.57 -17.90 4.29
N SER A 271 -7.54 -18.79 4.07
CA SER A 271 -8.23 -19.40 5.21
C SER A 271 -7.28 -20.31 5.99
N PRO A 272 -7.53 -20.50 7.31
CA PRO A 272 -6.69 -21.43 8.04
C PRO A 272 -6.70 -22.85 7.46
N THR A 273 -7.83 -23.30 6.92
CA THR A 273 -7.90 -24.63 6.32
C THR A 273 -6.90 -24.78 5.16
N GLU A 274 -6.85 -23.78 4.28
CA GLU A 274 -5.94 -23.83 3.15
C GLU A 274 -4.49 -23.58 3.54
N MET A 275 -4.27 -22.68 4.50
CA MET A 275 -2.91 -22.42 4.91
C MET A 275 -2.29 -23.61 5.63
N LYS A 276 -3.10 -24.35 6.39
CA LYS A 276 -2.57 -25.54 7.06
C LYS A 276 -2.12 -26.59 6.03
N LYS A 277 -2.80 -26.67 4.89
CA LYS A 277 -2.34 -27.54 3.80
C LYS A 277 -0.96 -27.09 3.32
N ALA A 278 -0.78 -25.79 3.10
CA ALA A 278 0.51 -25.27 2.67
C ALA A 278 1.59 -25.53 3.70
N LEU A 279 1.27 -25.32 4.97
CA LEU A 279 2.22 -25.53 6.06
C LEU A 279 2.62 -27.01 6.17
N ASP A 280 1.65 -27.90 6.06
CA ASP A 280 1.94 -29.33 6.12
C ASP A 280 2.86 -29.75 4.97
N TYR A 281 2.71 -29.13 3.81
CA TYR A 281 3.57 -29.45 2.68
C TYR A 281 4.98 -28.89 2.90
N ILE A 282 5.08 -27.61 3.22
CA ILE A 282 6.37 -26.97 3.44
C ILE A 282 7.17 -27.63 4.56
N ILE A 283 6.51 -27.87 5.69
CA ILE A 283 7.17 -28.33 6.90
C ILE A 283 7.36 -29.83 6.96
N LYS A 284 6.33 -30.57 6.55
CA LYS A 284 6.28 -32.03 6.68
C LYS A 284 6.43 -32.79 5.36
N GLY A 285 6.44 -32.10 4.22
CA GLY A 285 6.54 -32.74 2.92
C GLY A 285 5.28 -33.47 2.49
N ILE A 286 4.15 -33.13 3.11
CA ILE A 286 2.87 -33.78 2.81
C ILE A 286 2.12 -32.97 1.74
N PRO A 287 1.99 -33.51 0.52
CA PRO A 287 1.26 -32.75 -0.51
C PRO A 287 -0.25 -32.74 -0.26
N PHE A 288 -0.93 -31.78 -0.85
CA PHE A 288 -2.37 -31.59 -0.60
C PHE A 288 -3.24 -31.59 -1.83
N GLY A 289 -2.66 -31.88 -2.99
CA GLY A 289 -3.42 -31.83 -4.23
C GLY A 289 -3.31 -30.48 -4.94
N GLY A 290 -2.25 -29.74 -4.63
CA GLY A 290 -1.96 -28.53 -5.34
C GLY A 290 -1.20 -28.86 -6.62
N LYS A 291 -1.06 -27.87 -7.48
CA LYS A 291 -0.32 -28.00 -8.73
C LYS A 291 1.20 -27.85 -8.50
N TYR A 292 1.60 -27.13 -7.45
CA TYR A 292 3.01 -26.87 -7.23
C TYR A 292 3.73 -28.04 -6.55
N LYS A 293 4.87 -28.43 -7.12
N LYS A 293 4.87 -28.43 -7.12
CA LYS A 293 5.70 -29.50 -6.56
CA LYS A 293 5.71 -29.49 -6.57
C LYS A 293 6.86 -28.89 -5.77
C LYS A 293 6.85 -28.87 -5.77
N LEU A 294 6.90 -29.19 -4.49
CA LEU A 294 7.94 -28.67 -3.61
C LEU A 294 9.32 -29.14 -4.08
N SER A 295 10.34 -28.31 -3.87
N SER A 295 10.30 -28.25 -3.90
CA SER A 295 11.71 -28.65 -4.25
CA SER A 295 11.68 -28.44 -4.35
C SER A 295 12.26 -29.87 -3.52
C SER A 295 12.39 -29.66 -3.81
N ASN A 296 11.95 -29.98 -2.24
N ASN A 296 11.85 -30.29 -2.78
CA ASN A 296 12.52 -31.02 -1.39
CA ASN A 296 12.49 -31.48 -2.26
C ASN A 296 11.45 -32.01 -1.00
C ASN A 296 11.43 -32.48 -1.83
N GLU A 297 11.66 -33.26 -1.41
N GLU A 297 11.86 -33.65 -1.38
CA GLU A 297 10.75 -34.36 -1.14
CA GLU A 297 10.92 -34.72 -1.05
C GLU A 297 10.17 -34.32 0.28
C GLU A 297 10.40 -34.72 0.38
N SER A 298 11.06 -34.22 1.26
N SER A 298 11.17 -34.20 1.32
CA SER A 298 10.66 -34.35 2.66
CA SER A 298 10.71 -34.31 2.70
C SER A 298 10.24 -33.09 3.38
C SER A 298 10.46 -33.03 3.43
N GLY A 299 10.25 -31.96 2.68
CA GLY A 299 9.94 -30.69 3.30
C GLY A 299 11.12 -30.08 4.01
N TYR A 300 10.82 -29.01 4.73
CA TYR A 300 11.79 -28.20 5.42
C TYR A 300 11.31 -28.03 6.87
N PRO A 301 11.60 -29.04 7.71
CA PRO A 301 11.07 -29.03 9.07
C PRO A 301 11.40 -27.82 9.91
N ALA A 302 12.53 -27.16 9.66
CA ALA A 302 12.94 -26.00 10.46
C ALA A 302 12.42 -24.66 9.92
N PHE A 303 11.54 -24.70 8.91
CA PHE A 303 10.77 -23.50 8.49
C PHE A 303 10.35 -22.75 9.77
N ARG A 304 10.52 -21.44 9.78
N ARG A 304 10.54 -21.44 9.80
CA ARG A 304 10.46 -20.69 11.04
CA ARG A 304 10.47 -20.70 11.05
C ARG A 304 9.10 -20.25 11.54
C ARG A 304 9.08 -20.28 11.55
N GLY A 305 8.11 -20.13 10.66
CA GLY A 305 6.74 -19.80 11.09
C GLY A 305 6.05 -18.76 10.26
N LEU A 306 5.15 -18.02 10.91
CA LEU A 306 4.33 -17.02 10.25
C LEU A 306 4.43 -15.66 10.89
N MET A 307 4.43 -14.67 10.02
CA MET A 307 4.31 -13.27 10.38
C MET A 307 2.91 -12.81 9.99
N SER A 308 2.38 -11.84 10.72
CA SER A 308 1.11 -11.25 10.31
C SER A 308 1.04 -9.76 10.47
N TRP A 309 0.45 -9.14 9.46
CA TRP A 309 -0.06 -7.77 9.52
C TRP A 309 -1.54 -8.00 9.89
N SER A 310 -1.95 -7.85 11.15
CA SER A 310 -1.16 -7.36 12.28
C SER A 310 -1.84 -7.85 13.57
N ILE A 311 -1.17 -7.62 14.69
CA ILE A 311 -1.73 -7.91 16.01
C ILE A 311 -3.07 -7.20 16.18
N ASN A 312 -3.11 -5.93 15.78
CA ASN A 312 -4.32 -5.11 15.94
C ASN A 312 -5.48 -5.63 15.08
N TRP A 313 -5.20 -5.98 13.85
CA TRP A 313 -6.23 -6.57 12.99
C TRP A 313 -6.71 -7.91 13.53
N ASP A 314 -5.77 -8.72 14.03
CA ASP A 314 -6.10 -10.03 14.60
C ASP A 314 -7.08 -9.88 15.77
N ALA A 315 -6.81 -8.90 16.63
CA ALA A 315 -7.66 -8.66 17.80
C ALA A 315 -9.07 -8.22 17.40
N LYS A 316 -9.18 -7.42 16.33
N LYS A 316 -9.16 -7.42 16.34
CA LYS A 316 -10.49 -6.98 15.84
CA LYS A 316 -10.47 -7.00 15.85
C LYS A 316 -11.30 -8.10 15.17
C LYS A 316 -11.28 -8.21 15.42
N ASN A 317 -10.60 -9.18 14.82
CA ASN A 317 -11.18 -10.39 14.26
C ASN A 317 -11.23 -11.52 15.32
N ASN A 318 -11.28 -11.14 16.60
CA ASN A 318 -11.33 -12.07 17.77
C ASN A 318 -10.30 -13.20 17.73
N PHE A 319 -9.09 -12.82 17.35
CA PHE A 319 -7.92 -13.68 17.45
C PHE A 319 -7.94 -14.97 16.64
N GLU A 320 -8.66 -14.98 15.52
N GLU A 320 -8.65 -14.98 15.52
CA GLU A 320 -8.74 -16.18 14.70
CA GLU A 320 -8.76 -16.19 14.71
C GLU A 320 -7.36 -16.63 14.23
C GLU A 320 -7.43 -16.65 14.10
N PHE A 321 -6.61 -15.69 13.66
CA PHE A 321 -5.30 -16.00 13.10
C PHE A 321 -4.35 -16.51 14.18
N SER A 322 -4.16 -15.71 15.22
CA SER A 322 -3.23 -16.11 16.29
C SER A 322 -3.62 -17.43 16.95
N SER A 323 -4.90 -17.62 17.20
CA SER A 323 -5.35 -18.87 17.82
C SER A 323 -5.14 -20.08 16.92
N ASN A 324 -5.52 -19.97 15.64
CA ASN A 324 -5.40 -21.10 14.72
C ASN A 324 -3.97 -21.54 14.55
N TYR A 325 -3.07 -20.59 14.32
CA TYR A 325 -1.70 -20.96 14.03
C TYR A 325 -0.88 -21.29 15.27
N ARG A 326 -1.20 -20.69 16.42
CA ARG A 326 -0.53 -21.08 17.66
C ARG A 326 -0.83 -22.55 17.94
N THR A 327 -2.09 -22.94 17.76
CA THR A 327 -2.51 -24.33 17.97
C THR A 327 -1.81 -25.26 16.99
N TYR A 328 -1.76 -24.86 15.71
CA TYR A 328 -1.11 -25.65 14.68
C TYR A 328 0.38 -25.89 15.03
N PHE A 329 1.11 -24.83 15.35
CA PHE A 329 2.53 -24.97 15.65
C PHE A 329 2.79 -25.70 16.96
N ASP A 330 1.94 -25.48 17.95
CA ASP A 330 2.11 -26.17 19.24
C ASP A 330 1.88 -27.69 19.13
N ALA A 331 1.08 -28.10 18.14
CA ALA A 331 0.76 -29.51 17.91
C ALA A 331 1.88 -30.33 17.25
N ILE A 332 2.85 -29.67 16.60
CA ILE A 332 3.95 -30.37 15.93
C ILE A 332 4.80 -31.16 16.92
N ASN B 6 -14.43 26.51 -14.05
CA ASN B 6 -13.75 26.45 -15.39
C ASN B 6 -12.89 25.19 -15.59
N LEU B 7 -13.34 24.08 -15.03
N LEU B 7 -13.30 24.07 -14.97
CA LEU B 7 -12.61 22.81 -15.07
CA LEU B 7 -12.60 22.80 -15.13
C LEU B 7 -12.80 22.10 -16.43
C LEU B 7 -12.79 22.23 -16.52
N GLY B 8 -11.70 21.77 -17.10
CA GLY B 8 -11.75 21.14 -18.44
C GLY B 8 -12.42 19.79 -18.49
N SER B 9 -12.72 19.36 -19.72
CA SER B 9 -13.44 18.11 -19.96
C SER B 9 -12.56 16.86 -20.03
N LYS B 10 -11.25 17.04 -20.20
CA LYS B 10 -10.28 15.94 -20.18
C LYS B 10 -9.11 16.36 -19.32
N LEU B 11 -9.06 15.79 -18.11
CA LEU B 11 -8.12 16.19 -17.10
C LEU B 11 -7.01 15.21 -16.83
N LEU B 12 -5.87 15.78 -16.45
CA LEU B 12 -4.80 15.04 -15.79
C LEU B 12 -4.74 15.55 -14.35
N VAL B 13 -5.00 14.66 -13.41
CA VAL B 13 -5.01 14.99 -11.99
C VAL B 13 -3.79 14.29 -11.39
N GLY B 14 -2.90 15.05 -10.75
CA GLY B 14 -1.68 14.45 -10.22
C GLY B 14 -1.51 14.68 -8.73
N TYR B 15 -1.12 13.64 -8.02
CA TYR B 15 -0.78 13.77 -6.60
C TYR B 15 0.58 14.42 -6.45
N TRP B 16 0.68 15.34 -5.49
CA TRP B 16 1.90 16.10 -5.22
C TRP B 16 2.40 15.73 -3.83
N HIS B 17 3.62 15.23 -3.72
CA HIS B 17 4.14 14.80 -2.43
C HIS B 17 4.57 15.98 -1.54
N ASN B 18 3.93 16.16 -0.38
CA ASN B 18 4.39 17.16 0.60
C ASN B 18 5.50 16.53 1.48
N PHE B 19 6.45 15.87 0.82
CA PHE B 19 7.47 15.07 1.50
C PHE B 19 8.41 14.52 0.45
N ASP B 20 9.58 14.08 0.89
CA ASP B 20 10.56 13.43 0.01
C ASP B 20 10.52 11.93 0.30
N ASN B 21 10.04 11.14 -0.65
CA ASN B 21 10.05 9.67 -0.50
C ASN B 21 11.20 9.02 -1.27
N GLY B 22 12.17 9.83 -1.69
CA GLY B 22 13.26 9.35 -2.53
C GLY B 22 13.18 9.91 -3.94
N THR B 23 12.01 10.47 -4.31
CA THR B 23 11.85 11.10 -5.63
C THR B 23 12.07 12.62 -5.59
N GLY B 24 12.28 13.17 -4.40
CA GLY B 24 12.51 14.60 -4.25
C GLY B 24 11.24 15.41 -4.09
N ILE B 25 11.42 16.62 -3.58
CA ILE B 25 10.35 17.58 -3.40
C ILE B 25 10.38 18.52 -4.61
N ILE B 26 9.21 18.78 -5.16
CA ILE B 26 9.04 19.70 -6.28
C ILE B 26 8.24 20.87 -5.74
N LYS B 27 8.80 22.08 -5.77
CA LYS B 27 8.03 23.24 -5.32
C LYS B 27 6.85 23.44 -6.27
N LEU B 28 5.76 24.00 -5.76
CA LEU B 28 4.55 24.14 -6.60
C LEU B 28 4.78 24.86 -7.92
N ARG B 29 5.59 25.92 -7.93
CA ARG B 29 5.83 26.66 -9.17
C ARG B 29 6.66 25.85 -10.20
N ASP B 30 7.26 24.76 -9.74
CA ASP B 30 8.07 23.90 -10.61
C ASP B 30 7.32 22.67 -11.13
N VAL B 31 6.05 22.51 -10.73
CA VAL B 31 5.24 21.40 -11.23
C VAL B 31 4.96 21.61 -12.71
N SER B 32 5.01 20.53 -13.48
CA SER B 32 4.72 20.62 -14.92
C SER B 32 3.31 21.19 -15.18
N PRO B 33 3.20 22.16 -16.11
N PRO B 33 3.20 22.12 -16.15
CA PRO B 33 1.88 22.68 -16.47
CA PRO B 33 1.87 22.67 -16.47
C PRO B 33 0.91 21.65 -17.09
C PRO B 33 0.93 21.67 -17.16
N LYS B 34 1.41 20.48 -17.47
CA LYS B 34 0.58 19.47 -18.10
C LYS B 34 -0.48 18.92 -17.14
N TRP B 35 -0.25 19.04 -15.83
CA TRP B 35 -1.23 18.64 -14.83
C TRP B 35 -2.30 19.74 -14.70
N ASP B 36 -3.57 19.35 -14.73
CA ASP B 36 -4.67 20.31 -14.58
C ASP B 36 -5.07 20.53 -13.12
N VAL B 37 -4.93 19.48 -12.30
CA VAL B 37 -5.29 19.52 -10.90
C VAL B 37 -4.16 18.90 -10.13
N ILE B 38 -3.80 19.54 -9.01
CA ILE B 38 -2.72 19.11 -8.14
C ILE B 38 -3.34 18.69 -6.80
N ASN B 39 -3.21 17.41 -6.44
CA ASN B 39 -3.75 16.87 -5.19
C ASN B 39 -2.61 16.87 -4.17
N VAL B 40 -2.61 17.87 -3.29
CA VAL B 40 -1.55 18.03 -2.29
C VAL B 40 -1.66 16.93 -1.23
N SER B 41 -0.57 16.18 -1.06
CA SER B 41 -0.59 14.95 -0.28
C SER B 41 0.34 15.07 0.92
N PHE B 42 -0.17 15.10 2.16
CA PHE B 42 -1.55 14.94 2.57
C PHE B 42 -1.89 15.77 3.78
N GLY B 43 -3.18 16.05 3.95
CA GLY B 43 -3.71 16.52 5.22
C GLY B 43 -3.72 15.31 6.12
N GLU B 44 -3.27 15.49 7.35
CA GLU B 44 -3.10 14.37 8.28
C GLU B 44 -3.71 14.68 9.64
N THR B 45 -3.90 13.65 10.44
CA THR B 45 -4.44 13.80 11.78
C THR B 45 -3.44 13.28 12.82
N GLY B 46 -3.63 13.72 14.06
CA GLY B 46 -2.89 13.25 15.21
C GLY B 46 -3.78 12.35 16.06
N GLY B 47 -3.58 12.43 17.36
CA GLY B 47 -4.22 11.52 18.30
C GLY B 47 -5.73 11.50 18.31
N ASP B 48 -6.37 12.62 17.97
CA ASP B 48 -7.83 12.66 17.92
C ASP B 48 -8.40 12.06 16.63
N ARG B 49 -7.52 11.73 15.69
CA ARG B 49 -7.92 11.06 14.43
C ARG B 49 -9.08 11.79 13.75
N SER B 50 -9.09 13.10 13.82
CA SER B 50 -10.21 13.87 13.24
C SER B 50 -9.86 15.31 12.88
N THR B 51 -9.02 15.99 13.67
CA THR B 51 -8.59 17.34 13.33
C THR B 51 -7.50 17.23 12.26
N VAL B 52 -7.78 17.73 11.07
CA VAL B 52 -6.82 17.65 9.98
C VAL B 52 -5.85 18.83 10.06
N GLU B 53 -4.57 18.54 9.90
N GLU B 53 -4.58 18.50 9.83
CA GLU B 53 -3.54 19.58 9.86
CA GLU B 53 -3.46 19.41 9.89
C GLU B 53 -2.68 19.39 8.62
C GLU B 53 -2.72 19.37 8.55
N PHE B 54 -2.09 20.48 8.17
CA PHE B 54 -1.25 20.49 6.99
C PHE B 54 -0.24 21.60 7.14
N SER B 55 1.03 21.26 6.96
N SER B 55 1.02 21.25 6.95
CA SER B 55 2.11 22.24 7.00
CA SER B 55 2.14 22.19 7.02
C SER B 55 2.98 22.00 5.78
C SER B 55 2.98 21.98 5.76
N PRO B 56 3.17 23.04 4.94
CA PRO B 56 4.01 22.85 3.74
C PRO B 56 5.41 22.38 4.09
N VAL B 57 5.91 21.42 3.31
CA VAL B 57 7.23 20.84 3.59
C VAL B 57 8.38 21.77 3.26
N TYR B 58 8.13 22.78 2.41
CA TYR B 58 9.11 23.81 2.10
C TYR B 58 8.45 25.16 2.28
N GLY B 59 9.27 26.17 2.55
CA GLY B 59 8.81 27.53 2.63
C GLY B 59 7.88 27.85 3.77
N THR B 60 7.29 29.01 3.70
CA THR B 60 6.38 29.48 4.72
C THR B 60 4.92 29.21 4.32
N ASP B 61 4.04 29.36 5.29
CA ASP B 61 2.60 29.24 5.03
C ASP B 61 2.15 30.26 3.99
N ALA B 62 2.59 31.50 4.14
CA ALA B 62 2.19 32.55 3.19
C ALA B 62 2.70 32.27 1.79
N GLU B 63 3.92 31.75 1.68
N GLU B 63 3.92 31.74 1.67
CA GLU B 63 4.47 31.42 0.35
CA GLU B 63 4.47 31.40 0.37
C GLU B 63 3.66 30.31 -0.32
C GLU B 63 3.63 30.33 -0.31
N PHE B 64 3.21 29.32 0.46
CA PHE B 64 2.42 28.21 -0.11
C PHE B 64 1.09 28.75 -0.61
N LYS B 65 0.46 29.60 0.19
CA LYS B 65 -0.79 30.25 -0.23
C LYS B 65 -0.60 31.06 -1.52
N SER B 66 0.47 31.85 -1.60
N SER B 66 0.49 31.82 -1.58
CA SER B 66 0.69 32.65 -2.81
CA SER B 66 0.79 32.63 -2.76
C SER B 66 1.06 31.77 -4.03
C SER B 66 1.05 31.77 -3.99
N ASP B 67 1.75 30.65 -3.80
CA ASP B 67 2.04 29.69 -4.89
C ASP B 67 0.73 29.11 -5.42
N ILE B 68 -0.18 28.76 -4.51
CA ILE B 68 -1.50 28.25 -4.92
C ILE B 68 -2.25 29.33 -5.71
N SER B 69 -2.22 30.57 -5.23
CA SER B 69 -2.91 31.66 -5.93
C SER B 69 -2.36 31.84 -7.34
N TYR B 70 -1.03 31.73 -7.46
CA TYR B 70 -0.38 31.83 -8.76
C TYR B 70 -0.85 30.71 -9.68
N LEU B 71 -0.84 29.47 -9.21
CA LEU B 71 -1.31 28.35 -10.04
C LEU B 71 -2.76 28.51 -10.45
N LYS B 72 -3.60 28.96 -9.51
N LYS B 72 -3.60 28.97 -9.51
CA LYS B 72 -5.01 29.20 -9.83
CA LYS B 72 -5.01 29.21 -9.81
C LYS B 72 -5.18 30.27 -10.90
C LYS B 72 -5.20 30.29 -10.87
N SER B 73 -4.32 31.29 -10.86
CA SER B 73 -4.35 32.36 -11.89
C SER B 73 -4.01 31.82 -13.29
N LYS B 74 -3.30 30.70 -13.34
N LYS B 74 -3.29 30.70 -13.35
CA LYS B 74 -2.95 30.03 -14.58
CA LYS B 74 -2.95 30.03 -14.61
C LYS B 74 -3.91 28.88 -14.92
C LYS B 74 -4.03 29.05 -15.09
N GLY B 75 -5.08 28.89 -14.27
CA GLY B 75 -6.17 27.95 -14.57
C GLY B 75 -6.08 26.60 -13.91
N LYS B 76 -5.10 26.39 -13.05
CA LYS B 76 -4.96 25.11 -12.36
C LYS B 76 -5.81 25.06 -11.12
N LYS B 77 -6.10 23.85 -10.66
N LYS B 77 -6.10 23.85 -10.65
CA LYS B 77 -6.81 23.62 -9.40
CA LYS B 77 -6.82 23.67 -9.39
C LYS B 77 -5.81 23.00 -8.43
C LYS B 77 -5.89 22.94 -8.42
N VAL B 78 -5.92 23.38 -7.16
CA VAL B 78 -5.07 22.79 -6.11
C VAL B 78 -6.01 22.32 -5.01
N VAL B 79 -5.97 21.01 -4.76
CA VAL B 79 -6.88 20.31 -3.86
C VAL B 79 -6.09 19.72 -2.71
N LEU B 80 -6.65 19.72 -1.50
CA LEU B 80 -6.00 19.07 -0.37
C LEU B 80 -6.48 17.64 -0.29
N SER B 81 -5.55 16.68 -0.40
CA SER B 81 -5.91 15.27 -0.25
C SER B 81 -5.76 14.84 1.20
N ILE B 82 -6.81 14.25 1.75
N ILE B 82 -6.81 14.19 1.70
CA ILE B 82 -6.75 13.71 3.10
CA ILE B 82 -6.91 13.69 3.06
C ILE B 82 -6.62 12.22 2.91
C ILE B 82 -6.70 12.19 2.98
N GLY B 83 -5.52 11.69 3.41
CA GLY B 83 -5.25 10.28 3.27
C GLY B 83 -3.83 9.92 3.55
N GLY B 84 -3.38 8.84 2.94
CA GLY B 84 -2.07 8.29 3.26
C GLY B 84 -2.13 7.65 4.64
N GLN B 85 -0.99 7.21 5.14
CA GLN B 85 -0.93 6.50 6.42
C GLN B 85 -1.37 7.34 7.61
N ASN B 86 -1.10 8.65 7.56
CA ASN B 86 -1.40 9.54 8.67
C ASN B 86 -2.72 10.28 8.51
N GLY B 87 -3.37 10.10 7.36
CA GLY B 87 -4.65 10.77 7.13
C GLY B 87 -5.76 9.85 7.56
N VAL B 88 -5.75 9.49 8.83
CA VAL B 88 -6.75 8.60 9.38
C VAL B 88 -7.83 9.46 10.00
N VAL B 89 -9.04 9.36 9.48
CA VAL B 89 -10.16 10.15 9.93
C VAL B 89 -11.21 9.19 10.45
N LEU B 90 -11.39 9.18 11.77
CA LEU B 90 -12.36 8.32 12.44
C LEU B 90 -13.44 9.23 12.99
N LEU B 91 -14.67 9.00 12.55
CA LEU B 91 -15.82 9.84 12.91
C LEU B 91 -16.91 9.02 13.60
N PRO B 92 -16.63 8.55 14.82
CA PRO B 92 -17.63 7.74 15.50
C PRO B 92 -18.84 8.52 16.02
N ASP B 93 -18.71 9.84 16.11
CA ASP B 93 -19.76 10.70 16.67
C ASP B 93 -19.67 12.11 16.13
N ASN B 94 -20.63 12.95 16.50
CA ASN B 94 -20.64 14.31 16.00
C ASN B 94 -19.44 15.12 16.44
N ALA B 95 -18.95 14.89 17.66
CA ALA B 95 -17.81 15.66 18.12
C ALA B 95 -16.61 15.51 17.16
N ALA B 96 -16.35 14.27 16.75
CA ALA B 96 -15.29 14.00 15.79
C ALA B 96 -15.61 14.64 14.44
N LYS B 97 -16.86 14.49 14.01
CA LYS B 97 -17.29 15.08 12.74
C LYS B 97 -17.04 16.58 12.71
N GLN B 98 -17.36 17.28 13.81
CA GLN B 98 -17.13 18.72 13.87
C GLN B 98 -15.67 19.09 13.83
N ARG B 99 -14.82 18.32 14.52
CA ARG B 99 -13.39 18.59 14.46
C ARG B 99 -12.89 18.50 13.03
N PHE B 100 -13.39 17.51 12.30
CA PHE B 100 -13.04 17.32 10.90
C PHE B 100 -13.55 18.46 10.02
N ILE B 101 -14.86 18.77 10.11
CA ILE B 101 -15.43 19.85 9.31
C ILE B 101 -14.68 21.16 9.55
N ASN B 102 -14.51 21.53 10.82
CA ASN B 102 -13.94 22.83 11.13
C ASN B 102 -12.48 22.94 10.72
N SER B 103 -11.73 21.86 10.89
CA SER B 103 -10.31 21.90 10.53
C SER B 103 -10.12 21.94 9.02
N ILE B 104 -10.95 21.23 8.28
CA ILE B 104 -10.88 21.28 6.83
C ILE B 104 -11.24 22.67 6.32
N GLN B 105 -12.34 23.24 6.83
CA GLN B 105 -12.71 24.59 6.40
C GLN B 105 -11.60 25.59 6.73
N SER B 106 -10.97 25.44 7.89
N SER B 106 -10.97 25.45 7.90
CA SER B 106 -9.88 26.33 8.28
CA SER B 106 -9.89 26.36 8.28
C SER B 106 -8.73 26.24 7.26
C SER B 106 -8.67 26.24 7.32
N LEU B 107 -8.37 25.03 6.87
CA LEU B 107 -7.26 24.82 5.92
C LEU B 107 -7.59 25.36 4.53
N ILE B 108 -8.82 25.13 4.08
CA ILE B 108 -9.26 25.65 2.80
C ILE B 108 -9.13 27.17 2.80
N ASP B 109 -9.61 27.80 3.87
CA ASP B 109 -9.57 29.26 3.96
C ASP B 109 -8.14 29.79 4.08
N LYS B 110 -7.30 29.08 4.83
CA LYS B 110 -5.93 29.52 5.06
C LYS B 110 -5.06 29.48 3.80
N TYR B 111 -5.21 28.42 3.01
CA TYR B 111 -4.35 28.22 1.84
C TYR B 111 -5.02 28.50 0.50
N GLY B 112 -6.34 28.62 0.48
CA GLY B 112 -7.06 28.86 -0.76
C GLY B 112 -7.19 27.63 -1.64
N PHE B 113 -7.25 26.43 -1.04
CA PHE B 113 -7.49 25.23 -1.81
C PHE B 113 -8.84 25.31 -2.53
N ASP B 114 -8.91 24.71 -3.70
CA ASP B 114 -10.14 24.64 -4.50
C ASP B 114 -11.12 23.59 -4.00
N GLY B 115 -10.65 22.69 -3.17
CA GLY B 115 -11.48 21.62 -2.66
C GLY B 115 -10.66 20.57 -1.97
N ILE B 116 -11.24 19.37 -1.83
CA ILE B 116 -10.61 18.28 -1.13
C ILE B 116 -10.75 16.98 -1.91
N ASP B 117 -9.78 16.11 -1.66
CA ASP B 117 -9.74 14.76 -2.20
C ASP B 117 -9.81 13.80 -1.03
N ILE B 118 -10.77 12.89 -1.09
CA ILE B 118 -10.98 11.88 -0.07
C ILE B 118 -10.20 10.63 -0.46
N ASP B 119 -9.07 10.44 0.20
CA ASP B 119 -8.17 9.31 -0.06
C ASP B 119 -8.02 8.53 1.24
N LEU B 120 -9.15 8.27 1.89
CA LEU B 120 -9.15 7.61 3.19
C LEU B 120 -9.07 6.13 2.99
N GLU B 121 -7.92 5.57 3.38
CA GLU B 121 -7.59 4.16 3.18
C GLU B 121 -7.74 3.33 4.45
N SER B 122 -8.17 3.96 5.55
CA SER B 122 -8.30 3.29 6.84
C SER B 122 -9.64 3.58 7.49
N GLY B 123 -10.17 2.59 8.20
CA GLY B 123 -11.34 2.77 9.03
C GLY B 123 -12.70 2.76 8.36
N ILE B 124 -12.77 2.36 7.10
CA ILE B 124 -14.02 2.34 6.34
C ILE B 124 -14.40 0.88 6.03
N TYR B 125 -15.46 0.43 6.68
CA TYR B 125 -15.98 -0.90 6.51
C TYR B 125 -17.38 -0.93 7.07
N LEU B 126 -18.21 -1.74 6.45
CA LEU B 126 -19.61 -1.85 6.82
C LEU B 126 -19.82 -2.69 8.05
N ASN B 127 -20.61 -2.20 9.00
CA ASN B 127 -21.05 -3.03 10.13
C ASN B 127 -21.81 -4.24 9.57
N GLY B 128 -21.85 -5.32 10.35
CA GLY B 128 -22.50 -6.56 9.94
C GLY B 128 -23.93 -6.44 9.44
N ASN B 129 -24.72 -5.59 10.05
CA ASN B 129 -26.12 -5.45 9.62
C ASN B 129 -26.37 -4.31 8.62
N ASP B 130 -25.29 -3.72 8.09
CA ASP B 130 -25.42 -2.54 7.23
C ASP B 130 -25.43 -2.96 5.77
N THR B 131 -26.63 -3.16 5.24
CA THR B 131 -26.81 -3.78 3.91
C THR B 131 -27.38 -2.89 2.81
N ASN B 132 -27.83 -1.68 3.13
CA ASN B 132 -28.51 -0.82 2.16
C ASN B 132 -27.64 0.37 1.84
N PHE B 133 -27.09 0.43 0.62
CA PHE B 133 -26.16 1.51 0.29
C PHE B 133 -26.81 2.89 0.26
N LYS B 134 -28.13 2.94 0.07
CA LYS B 134 -28.84 4.23 0.07
C LYS B 134 -29.15 4.74 1.48
N ASN B 135 -29.06 3.86 2.46
N ASN B 135 -29.06 3.84 2.46
CA ASN B 135 -29.40 4.19 3.85
CA ASN B 135 -29.38 4.18 3.84
C ASN B 135 -28.40 3.51 4.78
C ASN B 135 -28.38 3.49 4.76
N PRO B 136 -27.12 3.92 4.73
CA PRO B 136 -26.12 3.30 5.58
C PRO B 136 -26.40 3.57 7.06
N THR B 137 -25.97 2.65 7.91
CA THR B 137 -26.15 2.76 9.35
C THR B 137 -24.81 2.81 10.11
N THR B 138 -23.71 2.44 9.47
CA THR B 138 -22.42 2.44 10.13
C THR B 138 -22.03 3.89 10.43
N PRO B 139 -21.84 4.25 11.72
CA PRO B 139 -21.56 5.66 12.03
C PRO B 139 -20.42 6.32 11.24
N GLN B 140 -19.31 5.61 11.06
CA GLN B 140 -18.19 6.16 10.28
C GLN B 140 -18.66 6.62 8.89
N ILE B 141 -19.44 5.76 8.24
CA ILE B 141 -19.92 6.04 6.89
C ILE B 141 -20.94 7.18 6.88
N VAL B 142 -21.93 7.10 7.78
CA VAL B 142 -22.93 8.15 7.93
C VAL B 142 -22.27 9.50 8.18
N ASN B 143 -21.30 9.53 9.08
CA ASN B 143 -20.68 10.78 9.47
C ASN B 143 -19.74 11.33 8.40
N LEU B 144 -19.06 10.45 7.68
N LEU B 144 -19.07 10.45 7.67
CA LEU B 144 -18.24 10.92 6.55
CA LEU B 144 -18.22 10.90 6.59
C LEU B 144 -19.11 11.58 5.49
C LEU B 144 -19.08 11.53 5.47
N ILE B 145 -20.22 10.92 5.15
CA ILE B 145 -21.13 11.49 4.17
C ILE B 145 -21.60 12.87 4.64
N SER B 146 -22.05 12.96 5.90
CA SER B 146 -22.52 14.23 6.44
C SER B 146 -21.45 15.29 6.40
N ALA B 147 -20.23 14.94 6.82
CA ALA B 147 -19.14 15.91 6.82
C ALA B 147 -18.84 16.42 5.42
N ILE B 148 -18.74 15.50 4.47
CA ILE B 148 -18.43 15.87 3.10
C ILE B 148 -19.51 16.79 2.51
N ARG B 149 -20.77 16.43 2.73
CA ARG B 149 -21.86 17.28 2.23
C ARG B 149 -21.84 18.66 2.89
N THR B 150 -21.56 18.70 4.20
CA THR B 150 -21.56 19.96 4.94
C THR B 150 -20.47 20.89 4.45
N ILE B 151 -19.26 20.34 4.29
CA ILE B 151 -18.14 21.12 3.81
C ILE B 151 -18.37 21.61 2.40
N SER B 152 -18.79 20.73 1.50
N SER B 152 -18.79 20.70 1.52
CA SER B 152 -18.98 21.14 0.11
CA SER B 152 -19.06 21.03 0.14
C SER B 152 -20.10 22.17 -0.02
C SER B 152 -20.06 22.18 0.07
N ASP B 153 -21.19 22.00 0.75
CA ASP B 153 -22.27 22.97 0.74
C ASP B 153 -21.85 24.34 1.32
N HIS B 154 -20.94 24.32 2.30
CA HIS B 154 -20.43 25.55 2.86
C HIS B 154 -19.77 26.45 1.80
N TYR B 155 -19.13 25.81 0.81
CA TYR B 155 -18.44 26.53 -0.27
C TYR B 155 -19.26 26.70 -1.54
N GLY B 156 -20.21 25.82 -1.79
CA GLY B 156 -21.06 25.95 -2.96
C GLY B 156 -20.63 25.13 -4.16
N PRO B 157 -21.31 25.34 -5.31
N PRO B 157 -21.35 25.26 -5.29
CA PRO B 157 -21.10 24.49 -6.50
CA PRO B 157 -21.11 24.52 -6.53
C PRO B 157 -19.73 24.54 -7.18
C PRO B 157 -19.68 24.45 -7.05
N ASP B 158 -18.89 25.50 -6.83
CA ASP B 158 -17.52 25.55 -7.38
C ASP B 158 -16.52 24.71 -6.59
N PHE B 159 -16.96 24.18 -5.43
CA PHE B 159 -16.11 23.35 -4.60
C PHE B 159 -15.72 22.09 -5.35
N LEU B 160 -14.43 21.78 -5.39
CA LEU B 160 -13.96 20.58 -6.10
C LEU B 160 -13.88 19.44 -5.09
N LEU B 161 -14.72 18.42 -5.28
CA LEU B 161 -14.69 17.22 -4.44
C LEU B 161 -14.27 16.04 -5.29
N SER B 162 -13.17 15.40 -4.90
CA SER B 162 -12.75 14.16 -5.57
C SER B 162 -12.58 13.08 -4.52
N MET B 163 -12.57 11.84 -4.99
N MET B 163 -12.47 11.85 -4.97
CA MET B 163 -12.36 10.67 -4.13
CA MET B 163 -12.13 10.78 -4.05
C MET B 163 -11.45 9.66 -4.83
C MET B 163 -11.38 9.72 -4.81
N ALA B 164 -10.61 8.97 -4.05
CA ALA B 164 -9.66 7.98 -4.60
C ALA B 164 -9.65 6.67 -3.81
N PRO B 165 -10.80 6.02 -3.68
CA PRO B 165 -10.80 4.72 -3.00
C PRO B 165 -10.08 3.64 -3.80
N GLU B 166 -9.66 2.62 -3.09
CA GLU B 166 -9.14 1.39 -3.70
C GLU B 166 -10.32 0.59 -4.28
N THR B 167 -10.02 -0.29 -5.24
CA THR B 167 -11.08 -1.01 -5.96
C THR B 167 -11.94 -1.89 -5.06
N ALA B 168 -11.38 -2.48 -4.01
CA ALA B 168 -12.17 -3.36 -3.14
C ALA B 168 -13.42 -2.67 -2.62
N TYR B 169 -13.28 -1.37 -2.35
CA TYR B 169 -14.35 -0.58 -1.75
C TYR B 169 -15.41 -0.10 -2.73
N VAL B 170 -15.16 -0.28 -4.03
CA VAL B 170 -16.06 0.21 -5.07
C VAL B 170 -16.45 -0.97 -5.96
N GLN B 171 -15.61 -1.31 -6.94
CA GLN B 171 -15.89 -2.42 -7.83
C GLN B 171 -15.92 -3.77 -7.10
N GLY B 172 -15.24 -3.87 -5.94
CA GLY B 172 -15.37 -5.07 -5.13
C GLY B 172 -16.81 -5.33 -4.69
N GLY B 173 -17.62 -4.24 -4.67
CA GLY B 173 -19.05 -4.34 -4.36
C GLY B 173 -19.83 -5.19 -5.36
N TYR B 174 -19.25 -5.40 -6.53
N TYR B 174 -19.27 -5.41 -6.55
CA TYR B 174 -19.87 -6.25 -7.53
CA TYR B 174 -19.91 -6.29 -7.53
C TYR B 174 -19.96 -7.70 -7.02
C TYR B 174 -19.99 -7.70 -6.97
N SER B 175 -18.97 -8.10 -6.22
CA SER B 175 -18.91 -9.45 -5.68
C SER B 175 -19.48 -9.63 -4.28
N ALA B 176 -19.40 -8.60 -3.44
CA ALA B 176 -19.91 -8.69 -2.08
C ALA B 176 -20.16 -7.31 -1.54
N TYR B 177 -21.12 -7.20 -0.61
CA TYR B 177 -21.43 -5.92 0.06
C TYR B 177 -21.42 -6.21 1.55
N ARG B 178 -20.22 -6.09 2.14
N ARG B 178 -20.21 -6.17 2.13
CA ARG B 178 -19.99 -6.39 3.55
CA ARG B 178 -20.00 -6.44 3.56
C ARG B 178 -18.53 -6.09 3.84
C ARG B 178 -18.54 -6.12 3.85
N SER B 179 -18.24 -5.81 5.11
CA SER B 179 -16.88 -5.49 5.52
C SER B 179 -16.35 -4.35 4.62
N ILE B 180 -15.16 -4.49 4.06
CA ILE B 180 -14.62 -3.47 3.16
C ILE B 180 -15.22 -3.50 1.76
N TRP B 181 -15.80 -4.63 1.36
N TRP B 181 -15.79 -4.64 1.38
CA TRP B 181 -16.23 -4.79 -0.03
CA TRP B 181 -16.29 -4.84 0.02
C TRP B 181 -17.48 -3.96 -0.31
C TRP B 181 -17.47 -3.93 -0.27
N GLY B 182 -17.31 -3.02 -1.23
CA GLY B 182 -18.34 -2.06 -1.55
C GLY B 182 -18.53 -0.97 -0.54
N ALA B 183 -17.66 -0.85 0.47
CA ALA B 183 -17.93 0.10 1.56
C ALA B 183 -17.88 1.58 1.16
N TYR B 184 -17.21 1.92 0.05
CA TYR B 184 -17.31 3.30 -0.46
C TYR B 184 -18.59 3.54 -1.26
N LEU B 185 -19.31 2.50 -1.68
CA LEU B 185 -20.53 2.74 -2.45
C LEU B 185 -21.54 3.65 -1.74
N PRO B 186 -21.82 3.44 -0.43
CA PRO B 186 -22.75 4.37 0.22
C PRO B 186 -22.19 5.78 0.29
N ILE B 187 -20.86 5.93 0.37
CA ILE B 187 -20.25 7.25 0.42
C ILE B 187 -20.44 7.94 -0.92
N ILE B 188 -20.11 7.23 -2.01
CA ILE B 188 -20.28 7.77 -3.35
C ILE B 188 -21.71 8.18 -3.60
N TYR B 189 -22.64 7.27 -3.34
CA TYR B 189 -24.06 7.58 -3.52
C TYR B 189 -24.49 8.76 -2.66
N GLY B 190 -24.00 8.79 -1.43
CA GLY B 190 -24.38 9.83 -0.48
C GLY B 190 -23.89 11.22 -0.83
N VAL B 191 -22.85 11.31 -1.64
CA VAL B 191 -22.27 12.61 -2.02
C VAL B 191 -22.27 12.85 -3.53
N LYS B 192 -23.04 12.04 -4.28
N LYS B 192 -22.95 11.99 -4.31
CA LYS B 192 -23.02 12.08 -5.75
CA LYS B 192 -22.84 12.01 -5.78
C LYS B 192 -23.30 13.45 -6.33
C LYS B 192 -23.20 13.34 -6.44
N ASP B 193 -24.23 14.17 -5.72
N ASP B 193 -24.08 14.10 -5.81
CA ASP B 193 -24.59 15.52 -6.17
CA ASP B 193 -24.45 15.41 -6.37
C ASP B 193 -23.57 16.60 -5.84
C ASP B 193 -23.35 16.45 -6.13
N LYS B 194 -22.52 16.24 -5.09
CA LYS B 194 -21.41 17.15 -4.76
C LYS B 194 -20.10 16.71 -5.44
N LEU B 195 -20.06 15.47 -5.92
CA LEU B 195 -18.83 14.86 -6.41
C LEU B 195 -18.44 15.42 -7.77
N THR B 196 -17.24 15.98 -7.88
CA THR B 196 -16.72 16.45 -9.15
C THR B 196 -16.26 15.25 -9.99
N TYR B 197 -15.43 14.41 -9.39
CA TYR B 197 -15.04 13.15 -10.05
C TYR B 197 -14.48 12.20 -9.02
N ILE B 198 -14.57 10.91 -9.36
CA ILE B 198 -13.94 9.84 -8.61
C ILE B 198 -12.86 9.23 -9.50
N HIS B 199 -11.68 9.03 -8.92
CA HIS B 199 -10.59 8.34 -9.57
C HIS B 199 -10.14 7.19 -8.68
N VAL B 200 -10.82 6.07 -8.86
CA VAL B 200 -10.46 4.85 -8.15
C VAL B 200 -9.01 4.51 -8.49
N GLN B 201 -8.29 3.97 -7.51
CA GLN B 201 -6.91 3.55 -7.70
C GLN B 201 -6.88 2.20 -8.41
N HIS B 202 -6.64 2.22 -9.72
CA HIS B 202 -6.53 0.98 -10.49
C HIS B 202 -5.09 0.43 -10.36
N TYR B 203 -4.61 0.30 -9.13
CA TYR B 203 -3.25 -0.17 -8.86
C TYR B 203 -3.25 -0.68 -7.44
N ASN B 204 -2.28 -1.57 -7.17
N ASN B 204 -2.26 -1.49 -7.07
CA ASN B 204 -2.24 -2.34 -5.93
CA ASN B 204 -2.38 -2.34 -5.85
C ASN B 204 -3.64 -2.99 -5.71
C ASN B 204 -3.82 -2.79 -5.75
N ALA B 205 -4.27 -3.42 -6.81
CA ALA B 205 -5.66 -3.84 -6.91
C ALA B 205 -5.89 -5.31 -7.22
N GLY B 206 -4.81 -6.05 -7.47
CA GLY B 206 -4.93 -7.46 -7.81
C GLY B 206 -5.80 -7.66 -9.04
N SER B 207 -6.84 -8.47 -8.91
N SER B 207 -6.86 -8.43 -8.90
CA SER B 207 -7.77 -8.78 -10.00
CA SER B 207 -7.77 -8.68 -10.01
C SER B 207 -9.21 -8.48 -9.59
C SER B 207 -9.14 -8.17 -9.63
N GLY B 208 -10.05 -8.25 -10.59
CA GLY B 208 -11.43 -7.87 -10.37
C GLY B 208 -12.35 -8.47 -11.41
N ILE B 209 -13.55 -8.82 -10.98
N ILE B 209 -13.55 -8.82 -10.96
CA ILE B 209 -14.55 -9.36 -11.87
CA ILE B 209 -14.59 -9.35 -11.82
C ILE B 209 -15.31 -8.22 -12.51
C ILE B 209 -15.29 -8.19 -12.51
N GLY B 210 -15.47 -8.29 -13.83
CA GLY B 210 -16.19 -7.27 -14.58
C GLY B 210 -17.68 -7.59 -14.67
N MET B 211 -18.44 -6.69 -15.26
N MET B 211 -18.46 -6.68 -15.24
CA MET B 211 -19.90 -6.87 -15.41
CA MET B 211 -19.92 -6.86 -15.37
C MET B 211 -20.29 -8.02 -16.32
C MET B 211 -20.32 -7.96 -16.36
N ASP B 212 -19.33 -8.50 -17.08
CA ASP B 212 -19.53 -9.66 -17.96
C ASP B 212 -19.29 -10.97 -17.21
N GLY B 213 -18.97 -10.89 -15.92
CA GLY B 213 -18.72 -12.07 -15.10
C GLY B 213 -17.32 -12.63 -15.22
N ASN B 214 -16.44 -11.99 -15.99
CA ASN B 214 -15.08 -12.49 -16.21
C ASN B 214 -14.08 -11.78 -15.31
N ASN B 215 -13.00 -12.48 -14.98
CA ASN B 215 -11.95 -11.91 -14.15
C ASN B 215 -10.92 -11.21 -15.02
N TYR B 216 -10.49 -10.03 -14.57
CA TYR B 216 -9.49 -9.23 -15.26
C TYR B 216 -8.39 -8.85 -14.27
N ASN B 217 -7.16 -8.78 -14.75
CA ASN B 217 -6.01 -8.46 -13.91
C ASN B 217 -5.57 -7.03 -14.06
N GLN B 218 -5.18 -6.41 -12.95
CA GLN B 218 -4.74 -5.01 -13.00
C GLN B 218 -3.61 -4.83 -14.02
N GLY B 219 -3.53 -3.63 -14.57
CA GLY B 219 -2.47 -3.27 -15.50
C GLY B 219 -2.71 -3.67 -16.93
N THR B 220 -3.84 -4.32 -17.22
CA THR B 220 -4.17 -4.73 -18.58
C THR B 220 -5.26 -3.81 -19.15
N ALA B 221 -5.28 -3.67 -20.46
CA ALA B 221 -6.25 -2.78 -21.09
C ALA B 221 -7.69 -3.20 -20.80
N ASP B 222 -7.97 -4.50 -20.89
CA ASP B 222 -9.34 -4.98 -20.59
C ASP B 222 -9.76 -4.62 -19.17
N TYR B 223 -8.84 -4.76 -18.22
CA TYR B 223 -9.14 -4.41 -16.82
C TYR B 223 -9.53 -2.95 -16.69
N GLU B 224 -8.80 -2.06 -17.35
CA GLU B 224 -9.09 -0.64 -17.20
C GLU B 224 -10.48 -0.33 -17.71
N VAL B 225 -10.84 -0.92 -18.85
CA VAL B 225 -12.16 -0.70 -19.42
C VAL B 225 -13.24 -1.30 -18.51
N ALA B 226 -13.04 -2.53 -18.06
CA ALA B 226 -14.03 -3.20 -17.24
C ALA B 226 -14.28 -2.45 -15.93
N MET B 227 -13.23 -1.97 -15.29
CA MET B 227 -13.40 -1.31 -14.00
C MET B 227 -14.04 0.08 -14.15
N ALA B 228 -13.67 0.81 -15.18
CA ALA B 228 -14.29 2.13 -15.41
C ALA B 228 -15.74 1.98 -15.82
N ASP B 229 -16.03 0.96 -16.64
CA ASP B 229 -17.37 0.75 -17.15
C ASP B 229 -18.37 0.53 -16.02
N MET B 230 -17.93 -0.08 -14.93
N MET B 230 -17.95 -0.10 -14.91
CA MET B 230 -18.80 -0.31 -13.78
CA MET B 230 -18.87 -0.28 -13.78
C MET B 230 -19.42 0.99 -13.26
C MET B 230 -19.46 1.03 -13.33
N LEU B 231 -18.61 2.04 -13.18
CA LEU B 231 -19.08 3.35 -12.73
C LEU B 231 -19.82 4.11 -13.82
N LEU B 232 -19.42 3.89 -15.07
CA LEU B 232 -20.09 4.56 -16.18
C LEU B 232 -21.48 4.01 -16.45
N HIS B 233 -21.70 2.74 -16.11
CA HIS B 233 -22.96 2.05 -16.42
C HIS B 233 -23.83 1.71 -15.22
N GLY B 234 -23.24 1.59 -14.03
CA GLY B 234 -23.98 1.07 -12.90
C GLY B 234 -23.95 -0.45 -12.96
N PHE B 235 -24.29 -1.09 -11.85
CA PHE B 235 -24.14 -2.53 -11.74
C PHE B 235 -24.91 -3.12 -10.58
N PRO B 236 -25.24 -4.42 -10.66
CA PRO B 236 -25.85 -5.07 -9.51
C PRO B 236 -24.80 -5.27 -8.41
N ILE B 237 -25.21 -5.04 -7.17
CA ILE B 237 -24.32 -5.19 -6.03
C ILE B 237 -24.43 -6.61 -5.48
N GLY B 238 -23.28 -7.24 -5.26
CA GLY B 238 -23.25 -8.53 -4.60
C GLY B 238 -24.03 -9.62 -5.31
N GLY B 239 -24.11 -9.52 -6.63
CA GLY B 239 -24.81 -10.51 -7.45
C GLY B 239 -26.33 -10.44 -7.41
N ASN B 240 -26.87 -9.39 -6.81
CA ASN B 240 -28.32 -9.25 -6.60
C ASN B 240 -28.91 -8.26 -7.60
N ALA B 241 -29.71 -8.76 -8.53
CA ALA B 241 -30.35 -7.91 -9.55
C ALA B 241 -31.29 -6.85 -8.98
N ASN B 242 -31.74 -7.04 -7.75
CA ASN B 242 -32.65 -6.09 -7.11
C ASN B 242 -31.92 -5.00 -6.33
N ASN B 243 -30.58 -4.99 -6.36
CA ASN B 243 -29.81 -3.99 -5.63
C ASN B 243 -28.82 -3.32 -6.58
N MET B 244 -29.33 -2.41 -7.39
CA MET B 244 -28.55 -1.78 -8.44
C MET B 244 -27.86 -0.49 -8.00
N PHE B 245 -26.55 -0.44 -8.20
CA PHE B 245 -25.81 0.79 -7.95
C PHE B 245 -25.95 1.64 -9.22
N PRO B 246 -26.37 2.90 -9.08
CA PRO B 246 -26.61 3.72 -10.27
C PRO B 246 -25.34 4.17 -10.96
N ALA B 247 -25.42 4.39 -12.26
CA ALA B 247 -24.33 4.99 -13.01
C ALA B 247 -24.04 6.39 -12.50
N LEU B 248 -22.77 6.77 -12.51
CA LEU B 248 -22.39 8.15 -12.29
C LEU B 248 -22.47 8.85 -13.65
N ARG B 249 -22.42 10.18 -13.64
CA ARG B 249 -22.26 10.88 -14.91
C ARG B 249 -20.89 10.52 -15.47
N SER B 250 -20.77 10.47 -16.80
N SER B 250 -20.74 10.44 -16.79
CA SER B 250 -19.48 10.18 -17.41
CA SER B 250 -19.43 10.12 -17.33
C SER B 250 -18.40 11.17 -16.98
C SER B 250 -18.38 11.17 -16.95
N ASP B 251 -18.80 12.43 -16.80
CA ASP B 251 -17.86 13.50 -16.40
C ASP B 251 -17.44 13.42 -14.94
N GLN B 252 -17.99 12.45 -14.20
CA GLN B 252 -17.56 12.16 -12.84
C GLN B 252 -16.61 10.97 -12.78
N VAL B 253 -16.30 10.34 -13.90
CA VAL B 253 -15.48 9.13 -13.88
C VAL B 253 -14.10 9.36 -14.45
N MET B 254 -13.09 9.02 -13.67
N MET B 254 -13.10 8.96 -13.66
CA MET B 254 -11.69 9.03 -14.12
CA MET B 254 -11.69 9.10 -13.97
C MET B 254 -11.14 7.66 -13.78
C MET B 254 -10.99 7.81 -13.52
N ILE B 255 -9.89 7.45 -14.17
CA ILE B 255 -9.12 6.25 -13.80
C ILE B 255 -7.83 6.71 -13.15
N GLY B 256 -7.49 6.13 -11.99
CA GLY B 256 -6.23 6.40 -11.31
C GLY B 256 -5.18 5.36 -11.66
N LEU B 257 -4.00 5.82 -12.08
CA LEU B 257 -2.91 4.94 -12.49
C LEU B 257 -1.58 5.34 -11.84
N PRO B 258 -0.65 4.37 -11.69
CA PRO B 258 0.68 4.73 -11.24
C PRO B 258 1.46 5.35 -12.41
N ALA B 259 2.30 6.34 -12.10
CA ALA B 259 3.02 7.04 -13.16
C ALA B 259 4.12 6.19 -13.77
N THR B 260 4.60 5.20 -13.01
CA THR B 260 5.72 4.34 -13.41
C THR B 260 5.62 3.11 -12.48
N PRO B 261 6.25 1.97 -12.83
CA PRO B 261 6.10 0.78 -11.95
C PRO B 261 6.55 0.97 -10.50
N ALA B 262 7.62 1.71 -10.28
CA ALA B 262 8.10 1.92 -8.90
C ALA B 262 7.12 2.71 -8.03
N ALA B 263 6.20 3.42 -8.65
CA ALA B 263 5.18 4.17 -7.93
C ALA B 263 4.14 3.24 -7.32
N ALA B 264 4.04 2.01 -7.82
CA ALA B 264 3.09 1.01 -7.29
C ALA B 264 3.73 -0.36 -7.43
N PRO B 265 4.68 -0.68 -6.54
N PRO B 265 4.66 -0.70 -6.52
CA PRO B 265 5.47 -1.90 -6.66
CA PRO B 265 5.33 -2.00 -6.61
C PRO B 265 4.72 -3.20 -6.94
C PRO B 265 4.40 -3.22 -6.43
N SER B 266 3.57 -3.40 -6.31
N SER B 266 3.18 -2.99 -5.93
CA SER B 266 2.85 -4.66 -6.47
CA SER B 266 2.21 -4.07 -5.79
C SER B 266 2.22 -4.81 -7.83
C SER B 266 1.60 -4.44 -7.15
N GLY B 267 2.04 -3.71 -8.51
N GLY B 267 1.76 -3.59 -8.16
CA GLY B 267 1.44 -3.78 -9.81
CA GLY B 267 1.22 -3.83 -9.51
C GLY B 267 0.38 -2.73 -10.05
C GLY B 267 0.19 -2.78 -9.96
N GLY B 268 -0.09 -2.73 -11.28
CA GLY B 268 -1.07 -1.79 -11.79
C GLY B 268 -0.57 -0.90 -12.90
N TYR B 269 0.74 -0.68 -12.99
CA TYR B 269 1.25 0.11 -14.09
C TYR B 269 0.85 -0.52 -15.44
N ILE B 270 0.47 0.36 -16.37
CA ILE B 270 0.09 -0.04 -17.72
C ILE B 270 0.83 0.88 -18.68
N SER B 271 1.37 0.31 -19.76
CA SER B 271 2.11 1.11 -20.72
C SER B 271 1.19 2.08 -21.47
N PRO B 272 1.74 3.20 -21.95
CA PRO B 272 0.91 4.12 -22.74
C PRO B 272 0.25 3.45 -23.95
N THR B 273 0.93 2.53 -24.62
CA THR B 273 0.33 1.86 -25.77
C THR B 273 -0.93 1.08 -25.38
N GLU B 274 -0.85 0.32 -24.28
CA GLU B 274 -2.00 -0.46 -23.83
C GLU B 274 -3.09 0.44 -23.26
N MET B 275 -2.70 1.48 -22.53
CA MET B 275 -3.71 2.35 -21.94
C MET B 275 -4.45 3.17 -23.00
N LYS B 276 -3.77 3.55 -24.06
CA LYS B 276 -4.44 4.29 -25.13
C LYS B 276 -5.49 3.41 -25.82
N LYS B 277 -5.27 2.09 -25.88
CA LYS B 277 -6.29 1.17 -26.37
C LYS B 277 -7.54 1.26 -25.47
N ALA B 278 -7.33 1.22 -24.16
CA ALA B 278 -8.44 1.32 -23.21
C ALA B 278 -9.14 2.67 -23.32
N LEU B 279 -8.38 3.76 -23.41
CA LEU B 279 -8.98 5.11 -23.49
C LEU B 279 -9.78 5.26 -24.78
N ASP B 280 -9.25 4.80 -25.90
CA ASP B 280 -9.98 4.88 -27.16
C ASP B 280 -11.31 4.12 -27.08
N TYR B 281 -11.33 3.00 -26.36
CA TYR B 281 -12.57 2.22 -26.24
C TYR B 281 -13.56 2.93 -25.33
N ILE B 282 -13.11 3.32 -24.14
CA ILE B 282 -13.98 4.00 -23.19
C ILE B 282 -14.57 5.29 -23.77
N ILE B 283 -13.71 6.13 -24.31
CA ILE B 283 -14.10 7.46 -24.73
C ILE B 283 -14.77 7.50 -26.08
N LYS B 284 -14.15 6.82 -27.05
CA LYS B 284 -14.56 6.91 -28.45
C LYS B 284 -15.34 5.69 -28.95
N GLY B 285 -15.48 4.66 -28.12
CA GLY B 285 -16.14 3.43 -28.53
C GLY B 285 -15.34 2.55 -29.50
N ILE B 286 -14.03 2.82 -29.63
CA ILE B 286 -13.16 2.08 -30.55
C ILE B 286 -12.58 0.86 -29.84
N PRO B 287 -12.98 -0.36 -30.21
CA PRO B 287 -12.43 -1.55 -29.57
C PRO B 287 -11.02 -1.87 -30.07
N PHE B 288 -10.38 -2.81 -29.40
CA PHE B 288 -8.99 -3.18 -29.70
C PHE B 288 -8.76 -4.69 -29.74
N GLY B 289 -9.84 -5.45 -29.87
CA GLY B 289 -9.74 -6.92 -29.89
C GLY B 289 -9.67 -7.54 -28.51
N GLY B 290 -9.98 -6.75 -27.48
CA GLY B 290 -9.96 -7.24 -26.11
C GLY B 290 -11.13 -8.17 -25.84
N LYS B 291 -11.05 -8.86 -24.71
N LYS B 291 -11.06 -8.88 -24.71
CA LYS B 291 -12.08 -9.80 -24.27
CA LYS B 291 -12.15 -9.78 -24.32
C LYS B 291 -13.29 -9.11 -23.63
C LYS B 291 -13.35 -9.01 -23.80
N TYR B 292 -13.13 -7.88 -23.14
CA TYR B 292 -14.20 -7.13 -22.50
C TYR B 292 -15.00 -6.30 -23.49
N LYS B 293 -16.32 -6.46 -23.47
CA LYS B 293 -17.22 -5.70 -24.33
C LYS B 293 -17.82 -4.55 -23.53
N LEU B 294 -17.63 -3.31 -24.01
CA LEU B 294 -18.14 -2.12 -23.34
C LEU B 294 -19.66 -2.16 -23.26
N SER B 295 -20.21 -1.56 -22.21
N SER B 295 -20.19 -1.69 -22.14
CA SER B 295 -21.65 -1.53 -21.96
CA SER B 295 -21.63 -1.73 -21.82
C SER B 295 -22.44 -0.64 -22.91
C SER B 295 -22.52 -1.20 -22.93
N ASN B 296 -21.77 0.28 -23.60
N ASN B 296 -22.08 -0.14 -23.58
CA ASN B 296 -22.45 1.16 -24.54
CA ASN B 296 -22.83 0.40 -24.69
C ASN B 296 -21.65 1.23 -25.81
C ASN B 296 -21.89 0.31 -25.89
N GLU B 297 -22.35 0.85 -26.89
N GLU B 297 -22.29 0.82 -27.04
CA GLU B 297 -21.80 0.80 -28.25
CA GLU B 297 -21.37 0.71 -28.15
C GLU B 297 -21.00 2.05 -28.65
C GLU B 297 -21.01 2.09 -28.71
N SER B 298 -21.53 3.22 -28.33
N SER B 298 -21.52 3.14 -28.08
CA SER B 298 -20.90 4.45 -28.80
CA SER B 298 -21.24 4.49 -28.52
C SER B 298 -19.73 4.95 -27.97
C SER B 298 -20.05 5.12 -27.78
N GLY B 299 -19.57 4.44 -26.74
CA GLY B 299 -18.53 4.96 -25.86
C GLY B 299 -19.13 6.01 -24.94
N TYR B 300 -18.28 6.60 -24.13
CA TYR B 300 -18.63 7.59 -23.12
C TYR B 300 -17.71 8.80 -23.34
N PRO B 301 -18.06 9.65 -24.33
CA PRO B 301 -17.14 10.73 -24.70
C PRO B 301 -16.82 11.75 -23.61
N ALA B 302 -17.70 11.90 -22.62
CA ALA B 302 -17.47 12.84 -21.52
C ALA B 302 -16.69 12.24 -20.33
N PHE B 303 -16.21 11.00 -20.47
CA PHE B 303 -15.26 10.42 -19.49
C PHE B 303 -14.25 11.52 -19.14
N ARG B 304 -13.92 11.67 -17.86
N ARG B 304 -13.94 11.68 -17.86
CA ARG B 304 -13.21 12.86 -17.42
CA ARG B 304 -13.21 12.88 -17.40
C ARG B 304 -11.70 12.88 -17.57
C ARG B 304 -11.69 12.88 -17.47
N GLY B 305 -11.05 11.71 -17.53
CA GLY B 305 -9.59 11.66 -17.72
C GLY B 305 -8.86 10.73 -16.79
N LEU B 306 -7.61 11.09 -16.50
CA LEU B 306 -6.72 10.24 -15.72
C LEU B 306 -6.15 10.95 -14.52
N MET B 307 -6.05 10.19 -13.44
CA MET B 307 -5.34 10.60 -12.25
C MET B 307 -4.05 9.77 -12.17
N SER B 308 -3.02 10.33 -11.55
CA SER B 308 -1.83 9.54 -11.31
C SER B 308 -1.19 9.78 -9.96
N TRP B 309 -0.75 8.67 -9.38
CA TRP B 309 0.21 8.67 -8.28
C TRP B 309 1.55 8.48 -9.02
N SER B 310 2.34 9.53 -9.24
CA SER B 310 2.18 10.89 -8.75
C SER B 310 2.99 11.82 -9.66
N ILE B 311 2.81 13.12 -9.42
CA ILE B 311 3.60 14.14 -10.10
C ILE B 311 5.09 13.89 -9.89
N ASN B 312 5.47 13.58 -8.64
CA ASN B 312 6.86 13.37 -8.29
C ASN B 312 7.44 12.13 -8.97
N TRP B 313 6.69 11.04 -8.99
CA TRP B 313 7.15 9.84 -9.69
C TRP B 313 7.26 10.09 -11.19
N ASP B 314 6.30 10.80 -11.74
CA ASP B 314 6.33 11.14 -13.17
C ASP B 314 7.58 11.93 -13.54
N ALA B 315 7.97 12.87 -12.70
CA ALA B 315 9.15 13.70 -12.95
C ALA B 315 10.43 12.87 -12.91
N LYS B 316 10.46 11.82 -12.08
CA LYS B 316 11.62 10.95 -12.02
C LYS B 316 11.69 10.03 -13.23
N ASN B 317 10.55 9.81 -13.88
CA ASN B 317 10.44 8.93 -15.05
C ASN B 317 10.36 9.72 -16.38
N ASN B 318 11.09 10.84 -16.46
N ASN B 318 11.10 10.83 -16.46
CA ASN B 318 11.17 11.69 -17.67
CA ASN B 318 11.19 11.66 -17.65
C ASN B 318 9.81 12.13 -18.21
C ASN B 318 9.84 12.14 -18.20
N PHE B 319 8.87 12.34 -17.30
CA PHE B 319 7.56 12.86 -17.65
C PHE B 319 6.80 12.01 -18.68
N GLU B 320 7.05 10.69 -18.69
N GLU B 320 7.05 10.71 -18.71
CA GLU B 320 6.39 9.76 -19.64
CA GLU B 320 6.43 9.85 -19.74
C GLU B 320 4.89 9.90 -19.60
C GLU B 320 4.89 9.76 -19.62
N PHE B 321 4.36 9.72 -18.40
CA PHE B 321 2.94 9.68 -18.18
C PHE B 321 2.29 11.01 -18.57
N SER B 322 2.76 12.11 -17.98
CA SER B 322 2.16 13.41 -18.26
C SER B 322 2.25 13.79 -19.73
N SER B 323 3.41 13.56 -20.36
N SER B 323 3.41 13.55 -20.36
CA SER B 323 3.55 13.92 -21.76
CA SER B 323 3.60 13.90 -21.77
C SER B 323 2.64 13.07 -22.64
C SER B 323 2.72 13.07 -22.70
N ASN B 324 2.65 11.77 -22.45
CA ASN B 324 1.81 10.87 -23.30
C ASN B 324 0.33 11.19 -23.22
N TYR B 325 -0.19 11.35 -22.02
CA TYR B 325 -1.62 11.53 -21.88
C TYR B 325 -2.07 12.94 -22.15
N ARG B 326 -1.22 13.94 -21.91
CA ARG B 326 -1.57 15.31 -22.28
C ARG B 326 -1.72 15.37 -23.80
N THR B 327 -0.77 14.79 -24.52
CA THR B 327 -0.84 14.75 -25.98
C THR B 327 -2.11 14.02 -26.44
N TYR B 328 -2.38 12.87 -25.84
CA TYR B 328 -3.55 12.08 -26.19
C TYR B 328 -4.84 12.88 -26.01
N PHE B 329 -5.02 13.48 -24.83
CA PHE B 329 -6.24 14.22 -24.55
C PHE B 329 -6.36 15.48 -25.40
N ASP B 330 -5.25 16.16 -25.64
CA ASP B 330 -5.25 17.40 -26.44
C ASP B 330 -5.64 17.13 -27.90
N ALA B 331 -5.43 15.89 -28.37
CA ALA B 331 -5.75 15.51 -29.75
C ALA B 331 -7.23 15.22 -29.96
N ILE B 332 -8.00 15.02 -28.90
CA ILE B 332 -9.44 14.74 -29.05
C ILE B 332 -10.15 16.02 -29.50
#